data_3DKQ
#
_entry.id   3DKQ
#
_cell.length_a   153.452
_cell.length_b   153.452
_cell.length_c   84.851
_cell.angle_alpha   90.00
_cell.angle_beta   90.00
_cell.angle_gamma   90.00
#
_symmetry.space_group_name_H-M   'P 41 21 2'
#
loop_
_entity.id
_entity.type
_entity.pdbx_description
1 polymer 'PKHD-type hydroxylase Sbal_3634'
2 non-polymer 'NICKEL (II) ION'
3 non-polymer IMIDAZOLE
4 non-polymer GLYCEROL
5 water water
#
_entity_poly.entity_id   1
_entity_poly.type   'polypeptide(L)'
_entity_poly.pdbx_seq_one_letter_code
;(MSE)GSDKIHHHHHHENLYFQG(MSE)LIEIPNVFSKQEVSHLREQLDARRWIDGNQTSGA(MSE)ATTRKRNQQLDKD
DPVAVALGQQI(MSE)DRLLAHPQFVSAALPLQFYPPLFNRYQGGETFGYHIDNAIRSTPDG(MSE)IRTDLSATLFLSE
PENYQGGELVIQDTYGQQSIKLSAGSLVLYPSSSLHQVTPVLSGERTAAF(MSE)WLQS(MSE)VRDEGQRRLLFQLDQS
IQSLTAQTAAEQELFNLSGVYHNLLRRWSEL
;
_entity_poly.pdbx_strand_id   A,B,C
#
# COMPACT_ATOMS: atom_id res chain seq x y z
N ASN A 14 -19.94 7.00 -5.24
CA ASN A 14 -18.74 6.29 -4.71
C ASN A 14 -18.61 4.89 -5.33
N LEU A 15 -17.67 4.72 -6.27
CA LEU A 15 -17.41 3.42 -6.96
C LEU A 15 -16.24 2.67 -6.35
N TYR A 16 -16.35 1.33 -6.31
CA TYR A 16 -15.35 0.43 -5.75
C TYR A 16 -15.03 -0.73 -6.71
N PHE A 17 -13.80 -1.24 -6.64
CA PHE A 17 -13.40 -2.38 -7.46
C PHE A 17 -14.11 -3.68 -7.00
N GLN A 18 -14.34 -4.57 -7.96
CA GLN A 18 -14.87 -5.92 -7.73
C GLN A 18 -13.69 -6.77 -8.11
N GLY A 19 -12.81 -7.01 -7.15
CA GLY A 19 -11.60 -7.75 -7.40
C GLY A 19 -10.72 -6.85 -8.23
N LEU A 21 -11.62 -5.62 -11.39
CA LEU A 21 -12.42 -4.86 -12.35
C LEU A 21 -13.30 -3.82 -11.69
N ILE A 22 -13.72 -2.81 -12.46
CA ILE A 22 -14.63 -1.78 -11.96
C ILE A 22 -15.74 -1.50 -12.98
N GLU A 23 -16.94 -1.32 -12.45
CA GLU A 23 -18.11 -1.00 -13.23
C GLU A 23 -18.36 0.50 -13.06
N ILE A 24 -18.54 1.20 -14.18
CA ILE A 24 -18.87 2.61 -14.20
C ILE A 24 -20.29 2.65 -14.76
N PRO A 25 -21.31 2.79 -13.90
CA PRO A 25 -22.66 2.80 -14.43
C PRO A 25 -23.13 4.11 -15.07
N ASN A 26 -24.16 3.98 -15.92
CA ASN A 26 -24.84 5.13 -16.52
CA ASN A 26 -24.86 5.12 -16.58
C ASN A 26 -23.91 6.16 -17.18
N VAL A 27 -22.92 5.65 -17.93
CA VAL A 27 -21.96 6.50 -18.66
C VAL A 27 -22.75 7.29 -19.72
N PHE A 28 -23.71 6.61 -20.35
CA PHE A 28 -24.70 7.18 -21.25
C PHE A 28 -26.06 6.81 -20.69
N SER A 29 -27.02 7.72 -20.81
CA SER A 29 -28.41 7.42 -20.44
C SER A 29 -29.02 6.41 -21.42
N LYS A 30 -30.18 5.87 -21.03
CA LYS A 30 -30.93 4.91 -21.85
C LYS A 30 -31.34 5.51 -23.19
N GLN A 31 -31.69 6.79 -23.14
CA GLN A 31 -32.12 7.54 -24.32
CA GLN A 31 -32.13 7.56 -24.29
C GLN A 31 -30.93 7.75 -25.26
N GLU A 32 -29.76 8.03 -24.71
CA GLU A 32 -28.53 8.17 -25.51
C GLU A 32 -28.08 6.85 -26.12
N VAL A 33 -28.17 5.76 -25.34
CA VAL A 33 -27.84 4.41 -25.84
C VAL A 33 -28.75 4.07 -27.03
N SER A 34 -30.03 4.41 -26.91
CA SER A 34 -31.02 4.18 -27.96
C SER A 34 -30.68 4.93 -29.27
N HIS A 35 -30.25 6.18 -29.11
CA HIS A 35 -29.81 7.03 -30.23
C HIS A 35 -28.51 6.49 -30.82
N LEU A 36 -27.58 6.04 -29.97
CA LEU A 36 -26.34 5.38 -30.44
C LEU A 36 -26.66 4.12 -31.26
N ARG A 37 -27.55 3.29 -30.74
CA ARG A 37 -27.98 2.06 -31.44
C ARG A 37 -28.67 2.35 -32.77
N GLU A 38 -29.51 3.36 -32.80
CA GLU A 38 -30.18 3.77 -34.04
C GLU A 38 -29.14 4.11 -35.13
N GLN A 39 -28.06 4.81 -34.76
CA GLN A 39 -27.00 5.15 -35.70
C GLN A 39 -26.17 3.90 -36.06
N LEU A 40 -25.73 3.14 -35.06
CA LEU A 40 -24.93 1.94 -35.26
C LEU A 40 -25.63 0.84 -36.07
N ASP A 41 -26.91 0.57 -35.76
CA ASP A 41 -27.70 -0.48 -36.45
C ASP A 41 -27.86 -0.28 -37.94
N ALA A 42 -27.88 0.98 -38.39
CA ALA A 42 -28.02 1.32 -39.83
C ALA A 42 -26.71 1.17 -40.63
N ARG A 43 -25.62 0.72 -40.00
CA ARG A 43 -24.34 0.56 -40.66
C ARG A 43 -24.16 -0.87 -41.13
N ARG A 44 -23.07 -1.12 -41.84
CA ARG A 44 -22.76 -2.44 -42.40
C ARG A 44 -21.93 -3.28 -41.41
N TRP A 45 -22.57 -4.30 -40.84
CA TRP A 45 -21.95 -5.22 -39.89
C TRP A 45 -21.28 -6.36 -40.68
N ILE A 46 -20.00 -6.61 -40.40
CA ILE A 46 -19.16 -7.53 -41.16
C ILE A 46 -18.81 -8.74 -40.35
N ASP A 47 -19.18 -9.92 -40.84
CA ASP A 47 -18.90 -11.21 -40.19
C ASP A 47 -17.38 -11.40 -40.06
N GLY A 48 -16.93 -11.74 -38.85
CA GLY A 48 -15.51 -11.95 -38.55
C GLY A 48 -15.26 -13.23 -37.79
N ASN A 49 -14.49 -14.13 -38.39
CA ASN A 49 -14.04 -15.39 -37.77
C ASN A 49 -12.51 -15.33 -37.47
N GLN A 50 -11.93 -14.11 -37.53
CA GLN A 50 -10.47 -13.87 -37.47
C GLN A 50 -10.08 -13.05 -36.25
N THR A 51 -9.06 -13.51 -35.53
CA THR A 51 -8.57 -12.84 -34.31
C THR A 51 -7.50 -11.78 -34.65
N SER A 52 -7.58 -10.66 -33.93
CA SER A 52 -6.62 -9.56 -34.02
C SER A 52 -6.59 -8.90 -32.62
N GLY A 53 -5.45 -9.02 -31.93
CA GLY A 53 -5.30 -8.49 -30.57
C GLY A 53 -5.14 -9.53 -29.46
N ALA A 54 -5.41 -10.82 -29.76
CA ALA A 54 -5.25 -11.95 -28.82
C ALA A 54 -3.82 -12.51 -28.98
N ALA A 56 -2.45 -15.65 -28.48
CA ALA A 56 -2.41 -16.95 -29.20
C ALA A 56 -3.63 -17.06 -30.14
N THR A 57 -3.61 -18.07 -31.01
CA THR A 57 -4.74 -18.34 -31.94
C THR A 57 -6.01 -18.61 -31.11
N THR A 58 -7.11 -17.93 -31.45
CA THR A 58 -8.36 -17.99 -30.66
C THR A 58 -9.58 -18.27 -31.54
N ARG A 59 -10.52 -19.04 -31.01
CA ARG A 59 -11.76 -19.35 -31.72
C ARG A 59 -12.70 -18.15 -31.46
N LYS A 60 -12.88 -17.33 -32.49
CA LYS A 60 -13.73 -16.14 -32.49
C LYS A 60 -14.70 -16.23 -33.67
N ARG A 61 -15.92 -15.74 -33.41
CA ARG A 61 -16.97 -15.69 -34.41
CA ARG A 61 -16.97 -15.69 -34.41
C ARG A 61 -17.94 -14.61 -33.94
N ASN A 62 -17.93 -13.46 -34.63
CA ASN A 62 -18.81 -12.33 -34.29
C ASN A 62 -18.98 -11.39 -35.48
N GLN A 63 -19.65 -10.26 -35.24
CA GLN A 63 -19.86 -9.20 -36.22
CA GLN A 63 -19.79 -9.20 -36.24
C GLN A 63 -19.18 -7.93 -35.67
N GLN A 64 -18.67 -7.09 -36.56
CA GLN A 64 -18.04 -5.82 -36.20
C GLN A 64 -18.32 -4.77 -37.27
N LEU A 65 -18.20 -3.50 -36.88
CA LEU A 65 -18.20 -2.42 -37.83
C LEU A 65 -16.72 -2.22 -38.20
N ASP A 66 -16.48 -1.86 -39.47
CA ASP A 66 -15.12 -1.62 -39.93
C ASP A 66 -14.53 -0.51 -39.08
N LYS A 67 -13.25 -0.64 -38.72
CA LYS A 67 -12.56 0.37 -37.90
C LYS A 67 -12.62 1.79 -38.51
N ASP A 68 -12.62 1.87 -39.84
CA ASP A 68 -12.68 3.13 -40.56
C ASP A 68 -14.09 3.56 -41.01
N ASP A 69 -15.14 2.91 -40.50
CA ASP A 69 -16.51 3.32 -40.81
C ASP A 69 -16.67 4.72 -40.18
N PRO A 70 -17.03 5.75 -40.97
CA PRO A 70 -17.13 7.13 -40.43
C PRO A 70 -18.02 7.27 -39.19
N VAL A 71 -19.18 6.64 -39.23
CA VAL A 71 -20.12 6.66 -38.10
C VAL A 71 -19.48 5.95 -36.88
N ALA A 72 -18.78 4.84 -37.10
CA ALA A 72 -18.07 4.13 -36.02
C ALA A 72 -16.96 5.03 -35.44
N VAL A 73 -16.19 5.70 -36.30
CA VAL A 73 -15.14 6.63 -35.85
C VAL A 73 -15.75 7.77 -35.01
N ALA A 74 -16.81 8.38 -35.54
CA ALA A 74 -17.49 9.52 -34.87
C ALA A 74 -18.06 9.16 -33.49
N LEU A 75 -18.81 8.05 -33.42
CA LEU A 75 -19.38 7.59 -32.14
C LEU A 75 -18.30 7.10 -31.19
N GLY A 76 -17.20 6.55 -31.73
CA GLY A 76 -16.04 6.18 -30.93
C GLY A 76 -15.46 7.40 -30.22
N GLN A 77 -15.42 8.52 -30.94
CA GLN A 77 -14.96 9.79 -30.39
C GLN A 77 -15.93 10.31 -29.34
N GLN A 78 -17.24 10.22 -29.59
CA GLN A 78 -18.26 10.61 -28.60
C GLN A 78 -18.12 9.78 -27.31
N ILE A 79 -17.82 8.49 -27.43
CA ILE A 79 -17.61 7.61 -26.28
C ILE A 79 -16.36 8.07 -25.49
N ASP A 81 -14.85 11.01 -25.57
CA ASP A 81 -15.19 12.35 -25.01
C ASP A 81 -16.01 12.23 -23.73
N ARG A 82 -17.01 11.36 -23.74
CA ARG A 82 -17.87 11.15 -22.58
C ARG A 82 -17.09 10.54 -21.43
N LEU A 83 -16.27 9.53 -21.73
CA LEU A 83 -15.42 8.90 -20.71
C LEU A 83 -14.45 9.88 -20.08
N LEU A 84 -13.85 10.76 -20.88
CA LEU A 84 -12.89 11.76 -20.39
C LEU A 84 -13.54 12.82 -19.51
N ALA A 85 -14.84 13.08 -19.72
CA ALA A 85 -15.63 13.96 -18.89
C ALA A 85 -16.21 13.26 -17.65
N HIS A 86 -15.92 11.97 -17.43
CA HIS A 86 -16.47 11.20 -16.30
C HIS A 86 -15.41 11.13 -15.19
N PRO A 87 -15.61 11.86 -14.08
CA PRO A 87 -14.58 11.91 -13.03
C PRO A 87 -14.10 10.57 -12.46
N GLN A 88 -15.02 9.62 -12.30
CA GLN A 88 -14.70 8.30 -11.75
C GLN A 88 -13.95 7.42 -12.74
N PHE A 89 -14.30 7.53 -14.02
CA PHE A 89 -13.54 6.85 -15.07
C PHE A 89 -12.12 7.41 -15.09
N VAL A 90 -12.01 8.74 -15.09
CA VAL A 90 -10.70 9.38 -15.13
C VAL A 90 -9.86 8.98 -13.91
N SER A 91 -10.49 8.93 -12.73
CA SER A 91 -9.77 8.56 -11.51
C SER A 91 -9.29 7.10 -11.52
N ALA A 92 -10.16 6.20 -11.98
CA ALA A 92 -9.87 4.76 -12.03
C ALA A 92 -8.80 4.42 -13.06
N ALA A 93 -8.96 4.94 -14.29
CA ALA A 93 -8.10 4.62 -15.42
C ALA A 93 -6.89 5.54 -15.62
N LEU A 94 -6.98 6.80 -15.19
CA LEU A 94 -5.94 7.82 -15.41
C LEU A 94 -5.48 7.75 -16.88
N PRO A 95 -6.43 7.88 -17.83
CA PRO A 95 -6.12 7.65 -19.25
C PRO A 95 -5.09 8.59 -19.86
N LEU A 96 -4.15 8.01 -20.61
CA LEU A 96 -3.17 8.74 -21.36
C LEU A 96 -3.56 8.67 -22.83
N GLN A 97 -3.78 7.46 -23.35
CA GLN A 97 -4.11 7.29 -24.76
C GLN A 97 -5.05 6.12 -24.96
N PHE A 98 -6.09 6.33 -25.75
CA PHE A 98 -7.05 5.23 -26.08
C PHE A 98 -6.71 4.56 -27.40
N TYR A 99 -7.01 3.28 -27.48
CA TYR A 99 -7.08 2.59 -28.78
C TYR A 99 -8.55 2.95 -29.13
N PRO A 100 -8.82 3.61 -30.28
CA PRO A 100 -10.19 4.05 -30.62
C PRO A 100 -11.24 2.93 -30.55
N PRO A 101 -12.40 3.21 -29.94
CA PRO A 101 -13.41 2.14 -29.76
C PRO A 101 -13.87 1.40 -31.03
N LEU A 102 -14.00 0.08 -30.90
CA LEU A 102 -14.49 -0.80 -31.96
C LEU A 102 -15.84 -1.32 -31.50
N PHE A 103 -16.76 -1.44 -32.44
CA PHE A 103 -18.12 -1.88 -32.19
C PHE A 103 -18.25 -3.31 -32.63
N ASN A 104 -18.73 -4.18 -31.73
CA ASN A 104 -18.92 -5.61 -31.99
C ASN A 104 -20.31 -6.03 -31.62
N ARG A 105 -20.70 -7.18 -32.18
CA ARG A 105 -22.04 -7.76 -31.95
CA ARG A 105 -22.03 -7.75 -31.96
C ARG A 105 -21.97 -9.28 -31.89
N TYR A 106 -22.81 -9.87 -31.02
CA TYR A 106 -22.86 -11.32 -30.84
C TYR A 106 -24.29 -11.81 -30.85
N GLN A 107 -24.59 -12.76 -31.74
CA GLN A 107 -25.90 -13.41 -31.77
C GLN A 107 -25.75 -14.77 -32.45
N GLY A 108 -26.76 -15.61 -32.30
CA GLY A 108 -26.81 -16.90 -32.99
C GLY A 108 -25.57 -17.74 -32.84
N GLY A 109 -25.11 -17.90 -31.59
CA GLY A 109 -23.95 -18.73 -31.27
C GLY A 109 -22.60 -18.05 -31.36
N GLU A 110 -22.59 -16.78 -31.76
CA GLU A 110 -21.36 -16.00 -31.86
C GLU A 110 -20.73 -15.87 -30.48
N THR A 111 -19.41 -15.99 -30.46
CA THR A 111 -18.63 -16.06 -29.25
C THR A 111 -17.16 -15.63 -29.49
N PHE A 112 -16.46 -15.32 -28.41
CA PHE A 112 -15.02 -15.00 -28.47
C PHE A 112 -14.41 -15.87 -27.36
N GLY A 113 -13.62 -16.87 -27.76
CA GLY A 113 -13.01 -17.81 -26.83
C GLY A 113 -11.91 -17.23 -25.95
N TYR A 114 -11.52 -18.04 -24.97
CA TYR A 114 -10.47 -17.71 -24.01
C TYR A 114 -9.19 -17.27 -24.70
N HIS A 115 -8.71 -16.11 -24.26
CA HIS A 115 -7.50 -15.52 -24.77
C HIS A 115 -7.00 -14.44 -23.82
N ILE A 116 -5.80 -13.97 -24.10
CA ILE A 116 -5.16 -12.86 -23.39
C ILE A 116 -4.87 -11.82 -24.45
N ASP A 117 -5.15 -10.56 -24.17
CA ASP A 117 -4.92 -9.48 -25.11
C ASP A 117 -3.44 -9.17 -25.18
N ASN A 118 -2.97 -8.81 -26.37
CA ASN A 118 -1.60 -8.38 -26.56
C ASN A 118 -1.27 -7.18 -25.64
N ALA A 119 -0.06 -7.19 -25.07
CA ALA A 119 0.44 -6.10 -24.23
C ALA A 119 0.59 -4.79 -25.02
N ILE A 120 0.99 -4.87 -26.28
CA ILE A 120 1.22 -3.70 -27.13
C ILE A 120 0.29 -3.75 -28.34
N ARG A 121 -0.39 -2.64 -28.63
CA ARG A 121 -1.28 -2.50 -29.79
C ARG A 121 -0.92 -1.27 -30.59
N SER A 122 -1.06 -1.38 -31.91
CA SER A 122 -0.84 -0.26 -32.80
C SER A 122 -2.13 0.54 -32.93
N THR A 123 -2.04 1.86 -32.99
CA THR A 123 -3.19 2.75 -33.23
C THR A 123 -2.74 3.76 -34.30
N PRO A 124 -3.70 4.50 -34.92
CA PRO A 124 -3.32 5.54 -35.90
C PRO A 124 -2.35 6.59 -35.37
N ASP A 125 -2.45 6.95 -34.08
CA ASP A 125 -1.53 7.93 -33.47
C ASP A 125 -0.39 7.24 -32.70
N GLY A 126 0.03 6.05 -33.16
CA GLY A 126 1.14 5.30 -32.56
C GLY A 126 0.80 4.11 -31.69
N ILE A 128 0.53 1.76 -28.42
CA ILE A 128 0.17 1.92 -27.04
C ILE A 128 0.37 0.61 -26.26
N ARG A 129 0.58 0.77 -24.95
CA ARG A 129 0.64 -0.31 -24.00
C ARG A 129 -0.80 -0.49 -23.47
N THR A 130 -1.32 -1.71 -23.53
CA THR A 130 -2.67 -2.01 -23.12
C THR A 130 -2.76 -2.27 -21.62
N ASP A 131 -2.80 -1.17 -20.85
CA ASP A 131 -2.93 -1.26 -19.40
C ASP A 131 -4.30 -1.77 -18.98
N LEU A 132 -5.34 -1.23 -19.62
CA LEU A 132 -6.71 -1.56 -19.30
C LEU A 132 -7.55 -1.74 -20.53
N SER A 133 -8.52 -2.63 -20.40
CA SER A 133 -9.50 -2.94 -21.42
C SER A 133 -10.82 -2.41 -20.92
N ALA A 134 -11.71 -2.06 -21.83
CA ALA A 134 -13.05 -1.59 -21.45
C ALA A 134 -14.11 -1.94 -22.48
N THR A 135 -15.31 -2.26 -22.00
CA THR A 135 -16.48 -2.60 -22.81
C THR A 135 -17.60 -1.71 -22.33
N LEU A 136 -18.21 -0.98 -23.28
CA LEU A 136 -19.39 -0.19 -23.06
C LEU A 136 -20.54 -1.03 -23.59
N PHE A 137 -21.49 -1.37 -22.73
CA PHE A 137 -22.61 -2.21 -23.09
C PHE A 137 -23.66 -1.38 -23.82
N LEU A 138 -24.09 -1.86 -24.98
CA LEU A 138 -25.10 -1.17 -25.80
C LEU A 138 -26.38 -2.01 -26.07
N SER A 139 -26.54 -3.13 -25.35
CA SER A 139 -27.77 -3.91 -25.31
C SER A 139 -28.03 -4.17 -23.84
N GLU A 140 -29.31 -4.26 -23.46
CA GLU A 140 -29.65 -4.60 -22.08
C GLU A 140 -29.34 -6.07 -21.85
N PRO A 141 -28.75 -6.41 -20.69
CA PRO A 141 -28.34 -7.81 -20.40
C PRO A 141 -29.49 -8.82 -20.38
N GLU A 142 -30.68 -8.36 -20.03
CA GLU A 142 -31.88 -9.17 -20.02
C GLU A 142 -32.32 -9.54 -21.42
N ASN A 143 -31.99 -8.73 -22.44
CA ASN A 143 -32.44 -8.97 -23.83
C ASN A 143 -31.61 -9.97 -24.66
N TYR A 144 -30.63 -10.62 -24.05
CA TYR A 144 -29.89 -11.67 -24.73
C TYR A 144 -29.52 -12.75 -23.74
N GLN A 145 -29.42 -13.98 -24.24
CA GLN A 145 -29.05 -15.12 -23.43
C GLN A 145 -27.58 -15.43 -23.74
N GLY A 146 -26.78 -15.58 -22.69
CA GLY A 146 -25.36 -15.84 -22.81
C GLY A 146 -24.67 -14.52 -23.00
N GLY A 147 -23.51 -14.54 -23.66
CA GLY A 147 -22.74 -13.30 -23.89
C GLY A 147 -22.14 -12.65 -22.66
N GLU A 148 -21.73 -13.49 -21.71
CA GLU A 148 -21.10 -13.03 -20.50
C GLU A 148 -19.61 -12.86 -20.77
N LEU A 149 -19.07 -11.72 -20.34
CA LEU A 149 -17.65 -11.45 -20.39
C LEU A 149 -17.10 -12.10 -19.11
N VAL A 150 -16.41 -13.22 -19.28
CA VAL A 150 -15.84 -14.00 -18.18
C VAL A 150 -14.37 -13.64 -18.08
N ILE A 151 -13.99 -13.03 -16.96
CA ILE A 151 -12.65 -12.50 -16.75
C ILE A 151 -12.04 -13.29 -15.62
N GLN A 152 -10.89 -13.90 -15.89
CA GLN A 152 -10.19 -14.76 -14.97
C GLN A 152 -8.74 -14.29 -14.77
N ASP A 153 -8.28 -14.33 -13.52
CA ASP A 153 -6.89 -14.02 -13.18
C ASP A 153 -6.42 -14.83 -11.97
N THR A 154 -5.23 -14.48 -11.47
CA THR A 154 -4.62 -15.09 -10.29
C THR A 154 -5.52 -14.99 -9.04
N TYR A 155 -6.14 -13.82 -8.83
CA TYR A 155 -7.00 -13.52 -7.70
C TYR A 155 -8.53 -13.76 -7.95
N GLY A 156 -8.89 -14.79 -8.73
CA GLY A 156 -10.31 -15.12 -9.00
C GLY A 156 -10.86 -15.07 -10.43
N GLN A 157 -12.19 -15.16 -10.51
CA GLN A 157 -12.94 -15.20 -11.77
C GLN A 157 -14.30 -14.50 -11.62
N GLN A 158 -14.72 -13.76 -12.65
CA GLN A 158 -15.97 -13.03 -12.67
C GLN A 158 -16.68 -13.03 -14.03
N SER A 159 -18.02 -13.12 -14.00
CA SER A 159 -18.89 -13.07 -15.19
C SER A 159 -19.61 -11.73 -15.20
N ILE A 160 -19.47 -10.99 -16.30
CA ILE A 160 -20.02 -9.62 -16.40
C ILE A 160 -20.92 -9.44 -17.61
N LYS A 161 -22.14 -8.97 -17.35
CA LYS A 161 -23.13 -8.51 -18.33
C LYS A 161 -23.74 -7.30 -17.61
N LEU A 162 -23.42 -6.07 -18.00
CA LEU A 162 -23.96 -4.89 -17.35
C LEU A 162 -25.07 -4.24 -18.17
N SER A 163 -25.86 -3.42 -17.47
CA SER A 163 -26.89 -2.56 -18.05
C SER A 163 -26.37 -1.76 -19.23
N ALA A 164 -27.23 -1.55 -20.22
CA ALA A 164 -26.92 -0.75 -21.41
C ALA A 164 -26.50 0.66 -20.96
N GLY A 165 -25.37 1.13 -21.46
CA GLY A 165 -24.83 2.43 -21.09
C GLY A 165 -23.84 2.40 -19.95
N SER A 166 -23.67 1.24 -19.29
CA SER A 166 -22.64 1.05 -18.26
C SER A 166 -21.38 0.50 -18.92
N LEU A 167 -20.25 0.71 -18.27
CA LEU A 167 -18.95 0.30 -18.75
C LEU A 167 -18.26 -0.54 -17.70
N VAL A 168 -17.51 -1.56 -18.16
CA VAL A 168 -16.67 -2.37 -17.28
C VAL A 168 -15.23 -2.07 -17.72
N LEU A 169 -14.36 -1.86 -16.74
CA LEU A 169 -12.93 -1.55 -16.95
C LEU A 169 -12.13 -2.64 -16.25
N TYR A 170 -11.20 -3.26 -16.99
CA TYR A 170 -10.45 -4.39 -16.47
C TYR A 170 -9.05 -4.50 -17.09
N PRO A 171 -8.11 -5.17 -16.39
CA PRO A 171 -6.77 -5.35 -16.91
C PRO A 171 -6.74 -6.19 -18.18
N SER A 172 -5.93 -5.76 -19.14
CA SER A 172 -5.82 -6.46 -20.45
C SER A 172 -5.08 -7.79 -20.37
N SER A 173 -4.37 -7.97 -19.25
CA SER A 173 -3.65 -9.20 -18.91
C SER A 173 -4.53 -10.38 -18.54
N SER A 174 -5.80 -10.13 -18.21
CA SER A 174 -6.74 -11.21 -17.81
C SER A 174 -6.96 -12.26 -18.89
N LEU A 175 -7.18 -13.49 -18.47
CA LEU A 175 -7.61 -14.54 -19.37
C LEU A 175 -9.13 -14.32 -19.43
N HIS A 176 -9.68 -14.16 -20.64
CA HIS A 176 -11.09 -13.82 -20.79
C HIS A 176 -11.73 -14.27 -22.10
N GLN A 177 -13.06 -14.32 -22.06
CA GLN A 177 -13.88 -14.75 -23.16
C GLN A 177 -15.25 -14.08 -23.12
N VAL A 178 -15.96 -14.13 -24.25
CA VAL A 178 -17.36 -13.71 -24.34
C VAL A 178 -18.06 -15.02 -24.68
N THR A 179 -18.90 -15.52 -23.75
CA THR A 179 -19.59 -16.80 -23.94
C THR A 179 -20.64 -16.66 -25.06
N PRO A 180 -21.01 -17.77 -25.73
CA PRO A 180 -21.95 -17.63 -26.84
C PRO A 180 -23.29 -16.96 -26.52
N VAL A 181 -23.76 -16.09 -27.41
CA VAL A 181 -25.07 -15.46 -27.29
C VAL A 181 -25.96 -16.37 -28.09
N LEU A 182 -26.91 -17.03 -27.42
CA LEU A 182 -27.81 -18.03 -28.01
C LEU A 182 -29.21 -17.52 -28.36
N SER A 183 -29.60 -16.39 -27.80
CA SER A 183 -30.87 -15.73 -28.12
C SER A 183 -30.64 -14.22 -27.99
N GLY A 184 -31.31 -13.46 -28.85
CA GLY A 184 -31.17 -12.00 -28.89
C GLY A 184 -29.81 -11.59 -29.42
N GLU A 185 -29.42 -10.35 -29.11
CA GLU A 185 -28.14 -9.81 -29.57
C GLU A 185 -27.47 -8.89 -28.54
N ARG A 186 -26.14 -8.99 -28.48
CA ARG A 186 -25.29 -8.19 -27.61
C ARG A 186 -24.47 -7.26 -28.50
N THR A 187 -24.72 -5.96 -28.44
CA THR A 187 -23.93 -4.93 -29.15
C THR A 187 -23.13 -4.21 -28.09
N ALA A 188 -21.86 -3.93 -28.39
CA ALA A 188 -20.98 -3.23 -27.44
C ALA A 188 -19.88 -2.50 -28.17
N ALA A 189 -19.24 -1.60 -27.45
CA ALA A 189 -18.09 -0.84 -27.92
C ALA A 189 -16.97 -1.35 -27.01
N PHE A 190 -15.85 -1.74 -27.61
CA PHE A 190 -14.71 -2.22 -26.85
CA PHE A 190 -14.70 -2.24 -26.90
C PHE A 190 -13.49 -1.37 -27.18
N TRP A 192 -9.15 -0.31 -25.65
CA TRP A 192 -8.03 -0.41 -24.74
C TRP A 192 -7.58 0.96 -24.44
N LEU A 193 -6.80 1.08 -23.36
CA LEU A 193 -6.14 2.31 -23.06
C LEU A 193 -4.83 2.11 -22.32
N GLN A 194 -3.93 3.06 -22.56
CA GLN A 194 -2.68 3.18 -21.85
C GLN A 194 -2.96 4.21 -20.80
N SER A 195 -2.67 3.87 -19.56
CA SER A 195 -2.86 4.77 -18.43
C SER A 195 -1.60 5.60 -18.28
N VAL A 197 -0.32 5.92 -15.40
CA VAL A 197 0.41 5.10 -14.44
C VAL A 197 0.44 3.65 -14.92
N ARG A 198 1.64 3.18 -15.18
CA ARG A 198 1.87 1.84 -15.69
C ARG A 198 1.50 0.73 -14.71
N ASP A 199 1.99 0.82 -13.48
CA ASP A 199 1.78 -0.20 -12.46
C ASP A 199 0.38 -0.16 -11.88
N GLU A 200 -0.27 -1.31 -11.89
CA GLU A 200 -1.64 -1.46 -11.40
C GLU A 200 -1.77 -1.15 -9.90
N GLY A 201 -0.82 -1.62 -9.08
CA GLY A 201 -0.81 -1.31 -7.65
C GLY A 201 -0.78 0.19 -7.36
N GLN A 202 0.12 0.90 -8.03
CA GLN A 202 0.18 2.38 -7.91
C GLN A 202 -1.13 3.07 -8.33
N ARG A 203 -1.69 2.61 -9.44
CA ARG A 203 -2.89 3.19 -10.01
C ARG A 203 -4.08 3.00 -9.07
N ARG A 204 -4.16 1.84 -8.42
CA ARG A 204 -5.21 1.53 -7.44
C ARG A 204 -5.09 2.36 -6.15
N LEU A 205 -3.87 2.60 -5.71
CA LEU A 205 -3.59 3.44 -4.52
C LEU A 205 -4.00 4.88 -4.80
N LEU A 206 -3.71 5.36 -6.01
CA LEU A 206 -4.12 6.70 -6.45
C LEU A 206 -5.64 6.80 -6.48
N PHE A 207 -6.32 5.80 -7.04
CA PHE A 207 -7.80 5.77 -7.08
C PHE A 207 -8.38 5.82 -5.66
N GLN A 208 -7.82 5.01 -4.77
CA GLN A 208 -8.26 4.98 -3.38
C GLN A 208 -8.09 6.31 -2.66
N LEU A 209 -6.94 6.95 -2.83
CA LEU A 209 -6.66 8.26 -2.24
C LEU A 209 -7.67 9.29 -2.79
N ASP A 210 -7.80 9.33 -4.12
CA ASP A 210 -8.72 10.25 -4.79
C ASP A 210 -10.16 10.10 -4.29
N GLN A 211 -10.65 8.87 -4.31
CA GLN A 211 -12.02 8.55 -3.87
C GLN A 211 -12.29 8.97 -2.43
N SER A 212 -11.32 8.77 -1.55
CA SER A 212 -11.43 9.22 -0.16
C SER A 212 -11.51 10.74 -0.04
N ILE A 213 -10.74 11.46 -0.87
CA ILE A 213 -10.77 12.94 -0.88
C ILE A 213 -12.15 13.42 -1.32
N GLN A 214 -12.72 12.75 -2.33
CA GLN A 214 -14.07 13.04 -2.83
C GLN A 214 -15.17 12.77 -1.80
N SER A 215 -15.04 11.67 -1.04
CA SER A 215 -15.99 11.37 0.07
C SER A 215 -15.90 12.38 1.17
N LEU A 216 -14.68 12.74 1.54
CA LEU A 216 -14.44 13.78 2.55
C LEU A 216 -14.90 15.20 2.09
N THR A 217 -14.90 15.44 0.78
CA THR A 217 -15.40 16.70 0.20
C THR A 217 -16.93 16.69 0.37
N ALA A 218 -17.58 15.62 -0.12
CA ALA A 218 -19.04 15.41 0.03
C ALA A 218 -19.49 15.48 1.50
N GLN A 219 -18.70 14.93 2.42
CA GLN A 219 -18.97 15.01 3.87
C GLN A 219 -18.65 16.38 4.48
N THR A 220 -18.15 17.34 3.69
CA THR A 220 -17.85 18.71 4.16
C THR A 220 -16.74 18.73 5.23
N ALA A 221 -15.63 18.04 4.94
CA ALA A 221 -14.46 17.99 5.84
C ALA A 221 -13.72 19.32 5.80
N ALA A 222 -12.87 19.55 6.81
CA ALA A 222 -12.06 20.79 6.90
C ALA A 222 -11.27 21.04 5.61
N GLU A 223 -11.48 22.21 5.00
CA GLU A 223 -10.90 22.58 3.69
C GLU A 223 -9.37 22.53 3.60
N GLN A 224 -8.69 22.83 4.72
CA GLN A 224 -7.22 22.73 4.79
C GLN A 224 -6.75 21.28 4.63
N GLU A 225 -7.50 20.34 5.21
CA GLU A 225 -7.18 18.92 5.14
C GLU A 225 -7.44 18.42 3.73
N LEU A 226 -8.56 18.85 3.13
CA LEU A 226 -8.87 18.49 1.73
C LEU A 226 -7.76 19.00 0.82
N PHE A 227 -7.38 20.26 0.99
CA PHE A 227 -6.27 20.89 0.25
C PHE A 227 -4.94 20.12 0.39
N ASN A 228 -4.56 19.78 1.62
CA ASN A 228 -3.33 19.05 1.93
C ASN A 228 -3.30 17.65 1.32
N LEU A 229 -4.44 16.94 1.41
CA LEU A 229 -4.58 15.62 0.83
C LEU A 229 -4.49 15.67 -0.68
N SER A 230 -5.09 16.70 -1.29
CA SER A 230 -4.99 16.92 -2.76
C SER A 230 -3.55 17.15 -3.18
N GLY A 231 -2.81 17.90 -2.38
CA GLY A 231 -1.39 18.10 -2.61
C GLY A 231 -0.63 16.78 -2.62
N VAL A 232 -0.98 15.91 -1.66
CA VAL A 232 -0.37 14.56 -1.57
C VAL A 232 -0.72 13.77 -2.81
N TYR A 233 -1.99 13.79 -3.20
CA TYR A 233 -2.44 13.11 -4.42
C TYR A 233 -1.68 13.56 -5.67
N HIS A 234 -1.64 14.86 -5.91
CA HIS A 234 -0.93 15.39 -7.08
C HIS A 234 0.57 15.13 -7.07
N ASN A 235 1.19 15.13 -5.89
CA ASN A 235 2.62 14.80 -5.76
C ASN A 235 2.83 13.34 -6.17
N LEU A 236 2.00 12.44 -5.66
CA LEU A 236 2.05 11.03 -6.05
C LEU A 236 1.82 10.82 -7.55
N LEU A 237 0.76 11.44 -8.07
CA LEU A 237 0.44 11.33 -9.49
C LEU A 237 1.66 11.73 -10.34
N ARG A 238 2.26 12.88 -10.02
CA ARG A 238 3.47 13.40 -10.67
CA ARG A 238 3.45 13.35 -10.74
C ARG A 238 4.63 12.38 -10.61
N ARG A 239 4.86 11.80 -9.42
CA ARG A 239 5.94 10.80 -9.23
C ARG A 239 5.78 9.52 -10.03
N TRP A 240 4.55 9.06 -10.16
CA TRP A 240 4.24 7.79 -10.79
C TRP A 240 3.79 7.81 -12.25
N SER A 241 3.55 8.99 -12.81
CA SER A 241 3.10 9.16 -14.19
C SER A 241 4.23 9.03 -15.17
N GLU A 242 3.91 8.50 -16.34
CA GLU A 242 4.84 8.39 -17.50
C GLU A 242 4.05 8.90 -18.68
N LEU A 243 4.24 10.17 -18.97
CA LEU A 243 3.47 10.86 -20.00
C LEU A 243 4.21 10.81 -21.34
N ASN B 14 -2.39 20.64 13.97
CA ASN B 14 -1.48 20.33 12.82
C ASN B 14 -0.26 21.26 12.86
N LEU B 15 0.85 20.77 12.30
CA LEU B 15 2.12 21.51 12.14
C LEU B 15 2.75 21.08 10.80
N TYR B 16 2.85 22.03 9.86
CA TYR B 16 3.36 21.79 8.50
C TYR B 16 4.89 21.88 8.40
N PHE B 17 5.42 21.67 7.18
CA PHE B 17 6.85 21.77 6.88
C PHE B 17 7.12 23.13 6.23
N GLN B 18 8.10 23.88 6.76
CA GLN B 18 8.53 25.18 6.18
C GLN B 18 9.54 24.82 5.08
N GLY B 19 9.01 24.45 3.91
CA GLY B 19 9.81 24.00 2.77
C GLY B 19 10.40 22.61 3.05
N LEU B 21 12.44 21.80 5.53
CA LEU B 21 12.73 21.60 6.96
C LEU B 21 11.47 21.64 7.79
N ILE B 22 11.47 20.94 8.92
CA ILE B 22 10.33 20.84 9.84
C ILE B 22 10.76 21.37 11.22
N GLU B 23 9.86 22.12 11.86
CA GLU B 23 10.04 22.62 13.22
C GLU B 23 9.12 21.80 14.14
N ILE B 24 9.70 21.22 15.21
CA ILE B 24 8.95 20.50 16.25
C ILE B 24 9.03 21.38 17.49
N PRO B 25 7.96 22.13 17.78
CA PRO B 25 8.00 23.02 18.92
C PRO B 25 7.69 22.33 20.22
N ASN B 26 8.27 22.85 21.29
CA ASN B 26 7.98 22.42 22.65
C ASN B 26 8.22 20.94 22.94
N VAL B 27 9.37 20.43 22.49
CA VAL B 27 9.81 19.05 22.75
C VAL B 27 10.08 18.93 24.25
N PHE B 28 10.64 19.99 24.82
CA PHE B 28 10.83 20.14 26.25
C PHE B 28 10.19 21.46 26.66
N SER B 29 9.68 21.50 27.89
CA SER B 29 9.10 22.75 28.42
C SER B 29 10.24 23.70 28.83
N LYS B 30 9.88 24.92 29.21
CA LYS B 30 10.87 25.91 29.67
C LYS B 30 11.53 25.45 30.99
N GLN B 31 10.72 24.92 31.92
CA GLN B 31 11.24 24.40 33.19
C GLN B 31 12.25 23.26 32.94
N GLU B 32 11.88 22.33 32.07
CA GLU B 32 12.75 21.22 31.66
C GLU B 32 14.04 21.68 30.98
N VAL B 33 13.94 22.68 30.11
CA VAL B 33 15.12 23.26 29.45
C VAL B 33 16.07 23.88 30.49
N SER B 34 15.53 24.63 31.46
CA SER B 34 16.36 25.17 32.59
C SER B 34 17.09 24.04 33.35
N HIS B 35 16.36 22.95 33.60
CA HIS B 35 16.92 21.78 34.30
C HIS B 35 18.03 21.12 33.47
N LEU B 36 17.87 21.07 32.16
CA LEU B 36 18.90 20.54 31.26
C LEU B 36 20.13 21.46 31.27
N ARG B 37 19.91 22.77 31.15
CA ARG B 37 21.00 23.76 31.19
C ARG B 37 21.72 23.81 32.52
N GLU B 38 20.99 23.66 33.62
CA GLU B 38 21.58 23.63 34.96
C GLU B 38 22.63 22.50 35.01
N GLN B 39 22.27 21.30 34.51
CA GLN B 39 23.18 20.14 34.49
C GLN B 39 24.33 20.32 33.47
N LEU B 40 23.99 20.78 32.26
CA LEU B 40 24.99 20.98 31.18
C LEU B 40 26.04 22.05 31.49
N ASP B 41 25.58 23.19 32.01
CA ASP B 41 26.45 24.33 32.38
C ASP B 41 27.53 24.01 33.43
N ALA B 42 27.30 23.00 34.27
CA ALA B 42 28.27 22.56 35.28
C ALA B 42 29.43 21.71 34.72
N ARG B 43 29.35 21.29 33.45
CA ARG B 43 30.35 20.43 32.80
C ARG B 43 31.52 21.20 32.17
N ARG B 44 32.54 20.45 31.75
CA ARG B 44 33.75 21.02 31.14
C ARG B 44 33.55 21.16 29.63
N TRP B 45 33.47 22.40 29.15
CA TRP B 45 33.27 22.72 27.72
C TRP B 45 34.62 22.86 27.04
N ILE B 46 34.89 22.07 26.01
CA ILE B 46 36.19 22.07 25.30
C ILE B 46 36.13 22.94 24.05
N ASP B 47 37.23 23.62 23.74
CA ASP B 47 37.36 24.50 22.57
C ASP B 47 37.71 23.67 21.33
N GLY B 48 36.73 22.92 20.83
CA GLY B 48 36.86 22.05 19.65
C GLY B 48 35.95 22.50 18.53
N ARG B 61 35.08 27.67 14.44
CA ARG B 61 35.37 28.08 15.82
C ARG B 61 34.12 28.02 16.69
N ASN B 62 34.05 27.05 17.62
CA ASN B 62 32.93 26.92 18.58
C ASN B 62 33.37 26.18 19.87
N GLN B 63 32.44 25.70 20.69
CA GLN B 63 32.73 24.86 21.86
C GLN B 63 31.79 23.66 21.91
N GLN B 64 32.20 22.64 22.66
CA GLN B 64 31.39 21.44 22.85
C GLN B 64 31.77 20.64 24.08
N LEU B 65 30.88 19.74 24.49
CA LEU B 65 31.15 18.79 25.56
C LEU B 65 31.71 17.55 24.86
N ASP B 66 32.59 16.84 25.56
CA ASP B 66 33.20 15.62 25.04
C ASP B 66 32.10 14.61 24.75
N LYS B 67 32.24 13.87 23.65
CA LYS B 67 31.26 12.83 23.29
C LYS B 67 31.07 11.78 24.42
N ASP B 68 32.16 11.48 25.14
CA ASP B 68 32.14 10.52 26.26
C ASP B 68 32.02 11.19 27.65
N ASP B 69 31.44 12.39 27.73
CA ASP B 69 31.18 13.05 29.01
C ASP B 69 29.93 12.34 29.53
N PRO B 70 29.95 11.79 30.77
CA PRO B 70 28.80 10.99 31.24
C PRO B 70 27.48 11.75 31.41
N VAL B 71 27.53 13.02 31.80
CA VAL B 71 26.34 13.86 31.86
C VAL B 71 25.84 14.17 30.43
N ALA B 72 26.77 14.40 29.49
CA ALA B 72 26.38 14.62 28.07
C ALA B 72 25.72 13.37 27.51
N VAL B 73 26.31 12.19 27.77
CA VAL B 73 25.76 10.91 27.30
C VAL B 73 24.35 10.65 27.91
N ALA B 74 24.18 10.95 29.21
CA ALA B 74 22.89 10.74 29.91
C ALA B 74 21.79 11.71 29.41
N LEU B 75 22.11 12.99 29.29
CA LEU B 75 21.13 13.97 28.76
C LEU B 75 20.84 13.70 27.26
N GLY B 76 21.88 13.28 26.53
CA GLY B 76 21.74 12.83 25.14
C GLY B 76 20.73 11.71 25.05
N GLN B 77 20.81 10.74 25.98
CA GLN B 77 19.83 9.65 26.05
C GLN B 77 18.41 10.16 26.40
N GLN B 78 18.30 11.12 27.31
CA GLN B 78 17.01 11.73 27.68
C GLN B 78 16.36 12.44 26.50
N ILE B 79 17.16 13.16 25.71
CA ILE B 79 16.69 13.84 24.48
C ILE B 79 16.12 12.83 23.49
N ASP B 81 15.00 9.74 24.10
CA ASP B 81 13.78 9.13 24.68
C ASP B 81 12.57 10.03 24.52
N ARG B 82 12.77 11.33 24.81
CA ARG B 82 11.72 12.34 24.66
C ARG B 82 11.25 12.46 23.22
N LEU B 83 12.21 12.44 22.28
CA LEU B 83 11.90 12.58 20.85
C LEU B 83 11.17 11.36 20.28
N LEU B 84 11.61 10.18 20.68
CA LEU B 84 10.96 8.92 20.29
C LEU B 84 9.54 8.78 20.89
N ALA B 85 9.29 9.48 22.00
CA ALA B 85 7.98 9.56 22.61
C ALA B 85 7.11 10.68 22.02
N HIS B 86 7.60 11.40 20.99
CA HIS B 86 6.89 12.53 20.38
C HIS B 86 6.33 12.10 19.01
N PRO B 87 5.00 11.90 18.91
CA PRO B 87 4.39 11.44 17.64
C PRO B 87 4.70 12.27 16.38
N GLN B 88 4.79 13.58 16.54
CA GLN B 88 5.10 14.49 15.44
C GLN B 88 6.56 14.29 14.98
N PHE B 89 7.49 14.10 15.93
CA PHE B 89 8.89 13.85 15.58
C PHE B 89 9.08 12.49 14.89
N VAL B 90 8.46 11.47 15.46
CA VAL B 90 8.52 10.11 14.93
C VAL B 90 8.00 10.08 13.49
N SER B 91 6.89 10.76 13.28
CA SER B 91 6.28 10.85 11.95
C SER B 91 7.13 11.65 10.96
N ALA B 92 7.71 12.77 11.42
CA ALA B 92 8.54 13.63 10.57
C ALA B 92 9.86 13.00 10.17
N ALA B 93 10.51 12.31 11.11
CA ALA B 93 11.82 11.68 10.87
C ALA B 93 11.81 10.17 10.54
N LEU B 94 10.75 9.44 10.95
CA LEU B 94 10.66 7.99 10.80
C LEU B 94 12.02 7.41 11.21
N PRO B 95 12.46 7.71 12.46
CA PRO B 95 13.80 7.30 12.85
C PRO B 95 14.04 5.80 12.81
N LEU B 96 15.18 5.42 12.24
CA LEU B 96 15.67 4.06 12.17
C LEU B 96 16.79 3.91 13.20
N GLN B 97 17.76 4.83 13.18
CA GLN B 97 18.88 4.84 14.09
C GLN B 97 19.32 6.27 14.41
N PHE B 98 19.54 6.56 15.68
CA PHE B 98 20.05 7.86 16.15
C PHE B 98 21.56 7.79 16.31
N TYR B 99 22.25 8.87 16.00
CA TYR B 99 23.66 9.01 16.33
C TYR B 99 23.55 9.96 17.57
N PRO B 100 24.02 9.51 18.78
CA PRO B 100 23.94 10.23 20.06
C PRO B 100 24.09 11.77 19.97
N PRO B 101 23.17 12.55 20.60
CA PRO B 101 23.27 14.01 20.50
C PRO B 101 24.54 14.60 21.10
N LEU B 102 25.09 15.60 20.41
CA LEU B 102 26.28 16.33 20.86
C LEU B 102 25.81 17.68 21.32
N PHE B 103 26.51 18.26 22.29
CA PHE B 103 26.18 19.56 22.84
C PHE B 103 27.23 20.56 22.42
N ASN B 104 26.78 21.63 21.74
CA ASN B 104 27.66 22.74 21.30
C ASN B 104 27.23 24.08 21.90
N ARG B 105 28.16 25.02 21.80
CA ARG B 105 27.98 26.37 22.32
CA ARG B 105 27.96 26.38 22.30
C ARG B 105 28.71 27.38 21.43
N TYR B 106 28.04 28.50 21.14
CA TYR B 106 28.60 29.61 20.35
C TYR B 106 28.43 30.91 21.11
N GLN B 107 29.54 31.65 21.25
CA GLN B 107 29.57 33.02 21.80
C GLN B 107 30.82 33.75 21.31
N GLY B 108 30.85 35.07 21.49
CA GLY B 108 32.01 35.92 21.12
C GLY B 108 32.69 35.69 19.75
N GLY B 109 31.90 35.75 18.67
CA GLY B 109 32.38 35.55 17.30
C GLY B 109 32.47 34.11 16.78
N GLU B 110 32.11 33.14 17.63
CA GLU B 110 32.15 31.71 17.28
C GLU B 110 31.08 31.44 16.22
N THR B 111 31.49 30.74 15.14
CA THR B 111 30.62 30.41 13.99
C THR B 111 30.93 29.01 13.40
N PHE B 112 30.15 28.58 12.41
CA PHE B 112 30.41 27.31 11.69
C PHE B 112 30.11 27.58 10.20
N GLY B 113 31.14 27.60 9.36
CA GLY B 113 31.02 27.92 7.92
C GLY B 113 30.21 26.95 7.08
N TYR B 114 29.85 27.39 5.87
CA TYR B 114 29.05 26.60 4.92
C TYR B 114 29.63 25.19 4.64
N HIS B 115 28.78 24.18 4.72
CA HIS B 115 29.20 22.79 4.52
C HIS B 115 28.00 21.85 4.35
N ILE B 116 28.30 20.69 3.77
CA ILE B 116 27.39 19.55 3.68
C ILE B 116 27.99 18.60 4.73
N ASP B 117 27.14 17.90 5.48
CA ASP B 117 27.61 16.92 6.50
C ASP B 117 28.23 15.64 5.88
N ARG B 129 24.43 6.01 7.26
CA ARG B 129 24.04 7.05 6.34
C ARG B 129 23.26 8.07 7.14
N THR B 130 23.71 9.32 7.18
CA THR B 130 22.96 10.34 7.89
C THR B 130 21.95 10.84 6.86
N ASP B 131 20.67 10.62 7.14
CA ASP B 131 19.59 11.11 6.30
C ASP B 131 19.17 12.49 6.77
N LEU B 132 19.03 12.62 8.10
CA LEU B 132 18.57 13.84 8.75
C LEU B 132 19.55 14.36 9.82
N SER B 133 19.49 15.69 10.02
CA SER B 133 20.21 16.40 11.06
C SER B 133 19.15 17.14 11.85
N ALA B 134 19.42 17.32 13.14
CA ALA B 134 18.50 18.03 14.01
C ALA B 134 19.22 18.85 15.08
N THR B 135 18.63 19.98 15.44
CA THR B 135 19.13 20.85 16.49
C THR B 135 17.99 21.08 17.48
N LEU B 136 18.23 20.76 18.75
CA LEU B 136 17.30 21.06 19.83
C LEU B 136 17.92 22.32 20.44
N PHE B 137 17.16 23.43 20.42
CA PHE B 137 17.62 24.71 20.95
C PHE B 137 17.52 24.73 22.47
N LEU B 138 18.61 25.10 23.14
CA LEU B 138 18.69 25.18 24.63
C LEU B 138 18.99 26.58 25.18
N SER B 139 18.85 27.60 24.33
CA SER B 139 18.96 29.01 24.68
C SER B 139 17.81 29.66 23.95
N GLU B 140 17.20 30.71 24.53
CA GLU B 140 16.13 31.43 23.84
C GLU B 140 16.78 32.25 22.73
N PRO B 141 16.14 32.32 21.54
CA PRO B 141 16.70 33.04 20.40
C PRO B 141 16.91 34.53 20.64
N GLU B 142 16.11 35.12 21.52
CA GLU B 142 16.22 36.53 21.90
C GLU B 142 17.41 36.81 22.78
N ASN B 143 17.91 35.80 23.48
CA ASN B 143 19.04 35.96 24.41
C ASN B 143 20.42 35.91 23.75
N TYR B 144 20.50 35.85 22.43
CA TYR B 144 21.78 35.94 21.75
C TYR B 144 21.64 36.66 20.42
N GLN B 145 22.69 37.39 20.04
CA GLN B 145 22.69 38.10 18.77
C GLN B 145 23.42 37.22 17.77
N GLY B 146 22.82 37.02 16.59
CA GLY B 146 23.35 36.16 15.55
C GLY B 146 23.08 34.69 15.86
N GLY B 147 23.98 33.80 15.45
CA GLY B 147 23.81 32.39 15.71
C GLY B 147 22.64 31.75 15.00
N GLU B 148 22.35 32.22 13.78
CA GLU B 148 21.28 31.69 12.95
C GLU B 148 21.77 30.47 12.18
N LEU B 149 20.97 29.41 12.20
CA LEU B 149 21.27 28.20 11.46
C LEU B 149 20.70 28.43 10.06
N VAL B 150 21.60 28.68 9.10
CA VAL B 150 21.22 28.97 7.72
C VAL B 150 21.35 27.71 6.91
N ILE B 151 20.27 27.29 6.27
CA ILE B 151 20.18 26.02 5.54
C ILE B 151 19.74 26.30 4.11
N GLN B 152 20.52 25.85 3.12
CA GLN B 152 20.16 26.06 1.70
C GLN B 152 19.04 25.08 1.26
N ASP B 153 18.17 25.57 0.38
CA ASP B 153 17.04 24.84 -0.25
C ASP B 153 17.12 25.03 -1.76
N THR B 154 16.27 24.28 -2.47
CA THR B 154 16.10 24.41 -3.92
C THR B 154 15.65 25.85 -4.29
N TYR B 155 14.72 26.39 -3.51
CA TYR B 155 14.19 27.75 -3.73
C TYR B 155 15.12 28.89 -3.22
N GLY B 156 16.04 28.58 -2.30
CA GLY B 156 16.96 29.60 -1.73
C GLY B 156 17.53 29.13 -0.40
N GLN B 157 17.27 29.85 0.67
CA GLN B 157 17.75 29.45 1.99
C GLN B 157 16.84 29.93 3.11
N GLN B 158 16.96 29.31 4.27
N GLN B 158 16.93 29.27 4.27
CA GLN B 158 16.16 29.65 5.45
CA GLN B 158 16.15 29.62 5.46
C GLN B 158 17.05 29.84 6.67
C GLN B 158 17.07 29.86 6.66
N SER B 159 16.79 30.92 7.42
CA SER B 159 17.55 31.28 8.63
C SER B 159 16.67 30.85 9.80
N ILE B 160 17.20 30.03 10.69
CA ILE B 160 16.44 29.42 11.77
C ILE B 160 17.09 29.66 13.14
N LYS B 161 16.28 30.16 14.07
CA LYS B 161 16.58 30.34 15.50
C LYS B 161 15.25 30.07 16.21
N LEU B 162 15.07 28.92 16.83
CA LEU B 162 13.80 28.60 17.47
C LEU B 162 13.88 28.77 18.98
N SER B 163 12.69 28.83 19.59
CA SER B 163 12.50 28.88 21.06
C SER B 163 13.25 27.75 21.74
N ALA B 164 13.72 28.01 22.97
CA ALA B 164 14.38 26.98 23.77
C ALA B 164 13.36 25.85 23.97
N GLY B 165 13.83 24.62 23.73
CA GLY B 165 13.00 23.43 23.82
C GLY B 165 12.38 23.02 22.50
N SER B 166 12.50 23.83 21.44
CA SER B 166 12.02 23.47 20.11
C SER B 166 13.16 22.85 19.31
N LEU B 167 12.80 22.06 18.29
CA LEU B 167 13.76 21.39 17.43
C LEU B 167 13.52 21.70 15.95
N VAL B 168 14.60 21.76 15.17
CA VAL B 168 14.52 21.89 13.71
C VAL B 168 15.12 20.61 13.15
N LEU B 169 14.48 20.06 12.12
CA LEU B 169 14.87 18.81 11.49
C LEU B 169 15.10 19.11 10.01
N TYR B 170 16.23 18.68 9.47
CA TYR B 170 16.55 18.98 8.06
C TYR B 170 17.44 17.92 7.45
N PRO B 171 17.44 17.80 6.09
CA PRO B 171 18.32 16.83 5.44
C PRO B 171 19.83 17.12 5.68
N SER B 172 20.59 16.07 5.99
CA SER B 172 22.04 16.18 6.22
C SER B 172 22.84 16.64 5.00
N SER B 173 22.32 16.34 3.80
CA SER B 173 22.92 16.78 2.53
C SER B 173 22.78 18.28 2.27
N SER B 174 21.87 18.96 2.98
CA SER B 174 21.67 20.41 2.81
C SER B 174 22.93 21.15 3.18
N LEU B 175 23.32 22.12 2.35
CA LEU B 175 24.46 23.01 2.63
C LEU B 175 23.98 23.92 3.78
N HIS B 176 24.82 24.13 4.80
CA HIS B 176 24.44 24.96 5.93
C HIS B 176 25.56 25.56 6.78
N GLN B 177 25.19 26.56 7.58
CA GLN B 177 26.11 27.25 8.47
C GLN B 177 25.40 27.75 9.74
N VAL B 178 26.19 28.12 10.74
CA VAL B 178 25.72 28.80 11.96
C VAL B 178 26.45 30.13 11.96
N THR B 179 25.71 31.23 11.75
CA THR B 179 26.29 32.56 11.69
C THR B 179 26.88 32.91 13.06
N PRO B 180 27.87 33.82 13.11
CA PRO B 180 28.51 34.16 14.38
C PRO B 180 27.58 34.67 15.47
N VAL B 181 27.85 34.30 16.71
CA VAL B 181 27.13 34.80 17.89
C VAL B 181 28.01 35.95 18.41
N LEU B 182 27.52 37.19 18.26
CA LEU B 182 28.26 38.41 18.68
C LEU B 182 27.89 38.94 20.05
N SER B 183 26.85 38.39 20.66
CA SER B 183 26.44 38.78 22.00
C SER B 183 25.61 37.65 22.60
N GLY B 184 25.68 37.47 23.90
CA GLY B 184 24.98 36.39 24.59
C GLY B 184 25.60 35.03 24.25
N GLU B 185 24.88 33.97 24.54
CA GLU B 185 25.36 32.61 24.24
C GLU B 185 24.24 31.73 23.67
N ARG B 186 24.61 30.82 22.76
CA ARG B 186 23.70 29.84 22.14
C ARG B 186 24.13 28.44 22.53
N THR B 187 23.35 27.76 23.36
CA THR B 187 23.59 26.37 23.72
C THR B 187 22.56 25.52 22.95
N ALA B 188 23.01 24.39 22.41
CA ALA B 188 22.13 23.50 21.66
C ALA B 188 22.61 22.06 21.70
N ALA B 189 21.69 21.14 21.38
CA ALA B 189 22.03 19.72 21.21
C ALA B 189 21.88 19.49 19.71
N PHE B 190 22.88 18.88 19.07
CA PHE B 190 22.81 18.52 17.63
C PHE B 190 23.00 17.02 17.43
N TRP B 192 22.29 13.51 14.42
CA TRP B 192 22.04 12.92 13.11
C TRP B 192 21.24 11.68 13.33
N LEU B 193 20.58 11.21 12.27
CA LEU B 193 19.83 9.96 12.32
C LEU B 193 19.55 9.34 10.94
N GLN B 194 19.52 8.02 10.88
CA GLN B 194 19.10 7.31 9.69
C GLN B 194 17.59 7.30 9.79
N SER B 195 16.92 7.57 8.68
CA SER B 195 15.47 7.49 8.61
C SER B 195 15.11 6.16 7.94
N VAL B 197 12.84 6.10 5.63
CA VAL B 197 12.63 6.57 4.25
C VAL B 197 13.81 7.50 3.92
N ARG B 198 14.68 7.13 2.98
CA ARG B 198 15.86 7.94 2.68
C ARG B 198 15.53 9.21 1.88
N ASP B 199 14.56 9.13 0.97
CA ASP B 199 14.18 10.25 0.12
C ASP B 199 13.41 11.30 0.92
N GLU B 200 13.91 12.52 0.84
CA GLU B 200 13.36 13.71 1.51
C GLU B 200 11.92 13.99 1.10
N GLY B 201 11.66 13.97 -0.20
CA GLY B 201 10.32 14.22 -0.75
C GLY B 201 9.31 13.18 -0.31
N GLN B 202 9.71 11.91 -0.41
CA GLN B 202 8.88 10.78 0.08
C GLN B 202 8.56 10.93 1.56
N ARG B 203 9.58 11.29 2.34
CA ARG B 203 9.43 11.46 3.79
C ARG B 203 8.47 12.62 4.16
N ARG B 204 8.52 13.73 3.41
CA ARG B 204 7.57 14.83 3.64
C ARG B 204 6.16 14.52 3.20
N LEU B 205 6.04 13.78 2.09
CA LEU B 205 4.73 13.38 1.57
C LEU B 205 4.06 12.49 2.64
N LEU B 206 4.81 11.52 3.17
CA LEU B 206 4.29 10.68 4.23
C LEU B 206 3.87 11.50 5.45
N PHE B 207 4.74 12.41 5.89
CA PHE B 207 4.46 13.29 7.05
C PHE B 207 3.16 14.10 6.84
N GLN B 208 3.03 14.72 5.67
CA GLN B 208 1.83 15.50 5.35
C GLN B 208 0.58 14.62 5.34
N LEU B 209 0.69 13.41 4.79
CA LEU B 209 -0.44 12.47 4.77
C LEU B 209 -0.81 12.10 6.20
N ASP B 210 0.19 11.80 7.01
CA ASP B 210 -0.02 11.42 8.41
C ASP B 210 -0.66 12.56 9.19
N GLN B 211 -0.08 13.75 9.07
CA GLN B 211 -0.60 14.93 9.76
C GLN B 211 -2.06 15.24 9.39
N SER B 212 -2.43 15.08 8.12
CA SER B 212 -3.82 15.27 7.70
C SER B 212 -4.75 14.20 8.30
N ILE B 213 -4.29 12.94 8.38
CA ILE B 213 -5.06 11.85 9.01
C ILE B 213 -5.33 12.14 10.51
N GLN B 214 -4.34 12.70 11.20
CA GLN B 214 -4.50 13.05 12.63
C GLN B 214 -5.55 14.14 12.78
N SER B 215 -5.37 15.24 12.04
CA SER B 215 -6.30 16.39 12.04
C SER B 215 -7.71 15.93 11.77
N LEU B 216 -7.91 15.09 10.75
CA LEU B 216 -9.23 14.52 10.48
C LEU B 216 -9.75 13.63 11.62
N THR B 217 -8.82 12.96 12.32
CA THR B 217 -9.17 12.14 13.50
C THR B 217 -9.65 13.04 14.65
N ALA B 218 -8.96 14.16 14.89
CA ALA B 218 -9.40 15.16 15.89
C ALA B 218 -10.78 15.77 15.51
N GLN B 219 -11.04 15.90 14.21
CA GLN B 219 -12.30 16.41 13.67
C GLN B 219 -13.43 15.38 13.63
N THR B 220 -13.16 14.14 14.00
CA THR B 220 -14.16 13.05 14.02
C THR B 220 -14.75 12.75 12.62
N ALA B 221 -13.87 12.82 11.60
CA ALA B 221 -14.25 12.49 10.21
C ALA B 221 -14.69 11.03 10.10
N ALA B 222 -15.36 10.70 9.00
CA ALA B 222 -15.87 9.34 8.79
C ALA B 222 -14.79 8.28 9.00
N GLU B 223 -15.14 7.24 9.74
CA GLU B 223 -14.22 6.16 10.12
C GLU B 223 -13.66 5.46 8.89
N GLN B 224 -14.55 5.13 7.96
CA GLN B 224 -14.19 4.45 6.72
C GLN B 224 -13.12 5.22 5.91
N GLU B 225 -13.17 6.56 5.91
CA GLU B 225 -12.21 7.38 5.17
C GLU B 225 -10.91 7.49 5.93
N LEU B 226 -11.00 7.55 7.27
CA LEU B 226 -9.80 7.54 8.13
C LEU B 226 -9.04 6.20 7.91
N PHE B 227 -9.75 5.08 7.87
CA PHE B 227 -9.12 3.78 7.57
C PHE B 227 -8.53 3.74 6.15
N ASN B 228 -9.29 4.17 5.14
CA ASN B 228 -8.83 4.19 3.73
C ASN B 228 -7.54 5.01 3.57
N LEU B 229 -7.49 6.16 4.23
CA LEU B 229 -6.28 7.00 4.23
C LEU B 229 -5.10 6.35 4.95
N SER B 230 -5.34 5.69 6.09
CA SER B 230 -4.26 4.99 6.84
C SER B 230 -3.72 3.85 6.00
N GLY B 231 -4.63 3.18 5.28
CA GLY B 231 -4.26 2.15 4.35
C GLY B 231 -3.33 2.67 3.28
N VAL B 232 -3.60 3.86 2.75
CA VAL B 232 -2.74 4.52 1.75
C VAL B 232 -1.37 4.84 2.35
N TYR B 233 -1.38 5.37 3.58
CA TYR B 233 -0.17 5.69 4.34
C TYR B 233 0.75 4.48 4.54
N HIS B 234 0.19 3.39 5.05
CA HIS B 234 0.97 2.17 5.33
C HIS B 234 1.49 1.48 4.05
N ASN B 235 0.72 1.58 2.97
CA ASN B 235 1.11 1.07 1.67
C ASN B 235 2.32 1.84 1.16
N LEU B 236 2.30 3.18 1.25
CA LEU B 236 3.45 4.01 0.84
C LEU B 236 4.67 3.73 1.72
N LEU B 237 4.45 3.56 3.03
CA LEU B 237 5.53 3.24 3.96
C LEU B 237 6.14 1.87 3.60
N ARG B 238 5.30 0.90 3.26
CA ARG B 238 5.79 -0.40 2.78
C ARG B 238 6.60 -0.26 1.47
N ARG B 239 6.20 0.62 0.56
CA ARG B 239 6.90 0.82 -0.71
C ARG B 239 8.25 1.50 -0.58
N TRP B 240 8.33 2.47 0.31
CA TRP B 240 9.48 3.35 0.44
C TRP B 240 10.47 3.12 1.56
N SER B 241 10.13 2.29 2.55
CA SER B 241 11.01 2.04 3.69
C SER B 241 12.28 1.23 3.34
N GLU B 242 13.40 1.53 3.99
CA GLU B 242 14.65 0.75 3.89
C GLU B 242 15.09 0.60 5.33
N LEU B 243 15.14 -0.63 5.83
CA LEU B 243 15.43 -0.91 7.24
C LEU B 243 16.85 -1.42 7.46
N LEU C 15 -4.33 -26.35 -1.35
CA LEU C 15 -3.81 -24.95 -1.40
C LEU C 15 -4.81 -24.06 -2.19
N TYR C 16 -5.67 -23.33 -1.47
CA TYR C 16 -6.71 -22.47 -2.07
C TYR C 16 -6.33 -20.98 -2.16
N PHE C 17 -6.38 -20.41 -3.37
CA PHE C 17 -5.95 -19.01 -3.66
C PHE C 17 -7.17 -18.06 -3.75
N GLN C 18 -8.06 -18.15 -2.74
CA GLN C 18 -9.29 -17.35 -2.70
C GLN C 18 -9.04 -15.83 -2.63
N GLY C 19 -9.04 -15.18 -3.80
CA GLY C 19 -8.84 -13.73 -3.89
C GLY C 19 -7.42 -13.30 -3.58
N LEU C 21 -6.03 -13.47 -0.62
CA LEU C 21 -5.54 -14.31 0.47
C LEU C 21 -5.37 -15.76 0.03
N ILE C 22 -4.43 -16.47 0.68
CA ILE C 22 -4.10 -17.86 0.36
C ILE C 22 -4.19 -18.77 1.60
N GLU C 23 -4.83 -19.92 1.43
CA GLU C 23 -5.02 -20.90 2.48
C GLU C 23 -4.09 -22.08 2.26
N ILE C 24 -3.27 -22.42 3.25
CA ILE C 24 -2.38 -23.59 3.20
C ILE C 24 -2.97 -24.61 4.19
N PRO C 25 -3.65 -25.66 3.68
CA PRO C 25 -4.27 -26.61 4.61
C PRO C 25 -3.25 -27.62 5.14
N ASN C 26 -3.55 -28.17 6.31
CA ASN C 26 -2.75 -29.22 6.94
C ASN C 26 -1.27 -28.88 7.09
N VAL C 27 -0.96 -27.67 7.59
CA VAL C 27 0.44 -27.31 7.88
C VAL C 27 0.94 -28.27 8.99
N PHE C 28 0.07 -28.53 9.96
CA PHE C 28 0.25 -29.54 11.01
C PHE C 28 -0.95 -30.49 10.99
N SER C 29 -0.72 -31.74 11.39
CA SER C 29 -1.78 -32.76 11.46
C SER C 29 -2.68 -32.51 12.67
N LYS C 30 -3.79 -33.24 12.76
CA LYS C 30 -4.71 -33.11 13.89
C LYS C 30 -4.06 -33.55 15.19
N GLN C 31 -3.21 -34.58 15.09
CA GLN C 31 -2.41 -35.10 16.22
C GLN C 31 -1.37 -34.07 16.67
N GLU C 32 -0.68 -33.46 15.70
CA GLU C 32 0.31 -32.40 15.99
C GLU C 32 -0.34 -31.19 16.63
N VAL C 33 -1.54 -30.82 16.14
CA VAL C 33 -2.32 -29.73 16.72
C VAL C 33 -2.69 -30.04 18.18
N SER C 34 -3.07 -31.29 18.48
CA SER C 34 -3.38 -31.68 19.86
C SER C 34 -2.14 -31.59 20.78
N HIS C 35 -0.97 -32.03 20.28
CA HIS C 35 0.29 -31.96 21.03
C HIS C 35 0.71 -30.49 21.23
N LEU C 36 0.51 -29.66 20.22
CA LEU C 36 0.72 -28.21 20.33
C LEU C 36 -0.19 -27.61 21.41
N ARG C 37 -1.48 -27.94 21.34
CA ARG C 37 -2.47 -27.45 22.32
C ARG C 37 -2.23 -27.94 23.75
N GLU C 38 -1.78 -29.20 23.93
CA GLU C 38 -1.50 -29.70 25.30
CA GLU C 38 -1.49 -29.74 25.26
C GLU C 38 -0.38 -28.88 25.92
N GLN C 39 0.64 -28.57 25.12
CA GLN C 39 1.78 -27.75 25.58
C GLN C 39 1.36 -26.30 25.83
N LEU C 40 0.61 -25.72 24.90
CA LEU C 40 0.16 -24.33 25.00
C LEU C 40 -0.85 -24.07 26.12
N ASP C 41 -1.81 -24.97 26.29
CA ASP C 41 -2.85 -24.86 27.33
C ASP C 41 -2.31 -24.88 28.77
N ALA C 42 -1.16 -25.52 28.97
CA ALA C 42 -0.49 -25.55 30.28
C ALA C 42 0.13 -24.18 30.66
N ARG C 43 0.43 -23.33 29.69
CA ARG C 43 1.10 -22.04 29.95
C ARG C 43 0.13 -21.01 30.51
N ARG C 44 0.69 -19.92 31.02
CA ARG C 44 -0.09 -18.85 31.65
C ARG C 44 -0.61 -17.85 30.58
N TRP C 45 -1.92 -17.90 30.34
CA TRP C 45 -2.58 -17.01 29.38
C TRP C 45 -2.89 -15.67 30.04
N ILE C 46 -2.23 -14.62 29.57
CA ILE C 46 -2.32 -13.27 30.12
C ILE C 46 -3.35 -12.44 29.35
N ASP C 47 -4.17 -11.69 30.09
CA ASP C 47 -5.19 -10.79 29.52
C ASP C 47 -4.54 -9.51 29.04
N GLY C 48 -5.32 -8.72 28.29
CA GLY C 48 -4.85 -7.42 27.80
C GLY C 48 -5.77 -6.70 26.81
N ASN C 49 -5.54 -5.38 26.71
CA ASN C 49 -6.25 -4.48 25.78
C ASN C 49 -5.22 -3.61 25.03
N GLN C 50 -4.38 -4.28 24.22
CA GLN C 50 -3.28 -3.64 23.47
C GLN C 50 -3.45 -3.76 21.94
N ARG C 59 -10.02 -1.03 19.51
CA ARG C 59 -10.54 -1.71 20.71
C ARG C 59 -10.19 -3.20 20.64
N LYS C 60 -9.63 -3.72 21.74
CA LYS C 60 -9.23 -5.13 21.83
C LYS C 60 -9.36 -5.65 23.28
N ARG C 61 -9.78 -6.91 23.37
CA ARG C 61 -9.86 -7.64 24.63
C ARG C 61 -9.70 -9.09 24.24
N ASN C 62 -8.54 -9.68 24.56
CA ASN C 62 -8.28 -11.10 24.32
C ASN C 62 -7.25 -11.62 25.34
N GLN C 63 -6.70 -12.82 25.09
CA GLN C 63 -5.64 -13.39 25.91
CA GLN C 63 -5.66 -13.43 25.92
C GLN C 63 -4.47 -13.83 25.03
N GLN C 64 -3.27 -13.75 25.59
CA GLN C 64 -2.05 -14.14 24.89
C GLN C 64 -1.07 -14.75 25.83
N LEU C 65 -0.13 -15.50 25.27
CA LEU C 65 1.02 -15.98 25.99
C LEU C 65 2.06 -14.88 25.89
N ASP C 66 2.84 -14.72 26.95
CA ASP C 66 3.91 -13.73 26.97
C ASP C 66 4.91 -14.08 25.85
N LYS C 67 5.38 -13.06 25.11
CA LYS C 67 6.36 -13.27 24.03
C LYS C 67 7.64 -14.02 24.46
N ASP C 68 8.07 -13.81 25.70
CA ASP C 68 9.27 -14.47 26.26
C ASP C 68 8.99 -15.81 26.96
N ASP C 69 7.76 -16.30 26.90
CA ASP C 69 7.41 -17.60 27.50
C ASP C 69 8.22 -18.64 26.69
N PRO C 70 9.09 -19.42 27.36
CA PRO C 70 9.96 -20.36 26.64
C PRO C 70 9.23 -21.40 25.80
N VAL C 71 8.06 -21.87 26.26
CA VAL C 71 7.25 -22.80 25.47
C VAL C 71 6.70 -22.09 24.23
N ALA C 72 6.21 -20.85 24.41
CA ALA C 72 5.73 -20.04 23.28
C ALA C 72 6.84 -19.78 22.27
N VAL C 73 8.04 -19.46 22.74
CA VAL C 73 9.21 -19.25 21.87
C VAL C 73 9.57 -20.54 21.12
N ALA C 74 9.66 -21.64 21.86
CA ALA C 74 10.01 -22.94 21.28
C ALA C 74 9.02 -23.39 20.21
N LEU C 75 7.73 -23.32 20.53
CA LEU C 75 6.66 -23.78 19.61
C LEU C 75 6.50 -22.83 18.42
N GLY C 76 6.76 -21.54 18.64
CA GLY C 76 6.78 -20.57 17.55
C GLY C 76 7.87 -20.93 16.54
N GLN C 77 9.05 -21.35 17.02
CA GLN C 77 10.17 -21.77 16.17
C GLN C 77 9.78 -23.01 15.37
N GLN C 78 9.07 -23.94 16.01
CA GLN C 78 8.55 -25.13 15.34
C GLN C 78 7.58 -24.76 14.22
N ILE C 79 6.74 -23.74 14.44
CA ILE C 79 5.82 -23.27 13.41
C ILE C 79 6.60 -22.65 12.26
N ASP C 81 9.81 -23.23 11.41
CA ASP C 81 10.54 -24.35 10.78
C ASP C 81 9.61 -25.12 9.82
N ARG C 82 8.42 -25.45 10.29
CA ARG C 82 7.46 -26.17 9.47
C ARG C 82 7.04 -25.40 8.23
N LEU C 83 6.77 -24.11 8.39
CA LEU C 83 6.37 -23.25 7.28
C LEU C 83 7.50 -23.11 6.27
N LEU C 84 8.73 -22.92 6.76
CA LEU C 84 9.93 -22.86 5.90
C LEU C 84 10.24 -24.19 5.19
N ALA C 85 9.71 -25.30 5.69
CA ALA C 85 9.79 -26.62 5.05
C ALA C 85 8.63 -26.88 4.08
N HIS C 86 7.71 -25.92 3.90
CA HIS C 86 6.54 -26.10 3.02
C HIS C 86 6.86 -25.35 1.71
N PRO C 87 7.05 -26.09 0.59
CA PRO C 87 7.43 -25.39 -0.65
C PRO C 87 6.42 -24.38 -1.20
N GLN C 88 5.13 -24.65 -1.05
CA GLN C 88 4.09 -23.73 -1.53
C GLN C 88 4.02 -22.47 -0.66
N PHE C 89 4.33 -22.59 0.63
CA PHE C 89 4.35 -21.44 1.51
C PHE C 89 5.54 -20.56 1.09
N VAL C 90 6.71 -21.21 0.95
CA VAL C 90 7.93 -20.55 0.58
C VAL C 90 7.74 -19.85 -0.77
N SER C 91 7.13 -20.53 -1.74
CA SER C 91 6.88 -19.96 -3.06
C SER C 91 5.97 -18.75 -2.99
N ALA C 92 4.84 -18.87 -2.29
CA ALA C 92 3.85 -17.79 -2.18
C ALA C 92 4.32 -16.53 -1.43
N ALA C 93 5.07 -16.72 -0.35
CA ALA C 93 5.51 -15.65 0.54
C ALA C 93 6.97 -15.20 0.36
N LEU C 94 7.83 -16.08 -0.14
CA LEU C 94 9.28 -15.82 -0.29
C LEU C 94 9.83 -15.15 0.98
N PRO C 95 9.66 -15.82 2.14
CA PRO C 95 10.03 -15.18 3.39
C PRO C 95 11.48 -14.84 3.58
N LEU C 96 11.73 -13.64 4.08
CA LEU C 96 13.05 -13.19 4.43
C LEU C 96 13.19 -13.23 5.95
N GLN C 97 12.20 -12.71 6.68
CA GLN C 97 12.27 -12.67 8.14
C GLN C 97 10.87 -12.69 8.73
N PHE C 98 10.69 -13.49 9.77
CA PHE C 98 9.41 -13.56 10.49
C PHE C 98 9.41 -12.68 11.74
N TYR C 99 8.24 -12.20 12.12
CA TYR C 99 8.02 -11.66 13.46
C TYR C 99 7.66 -12.98 14.15
N PRO C 100 8.36 -13.37 15.25
CA PRO C 100 8.10 -14.68 15.91
C PRO C 100 6.64 -14.91 16.30
N PRO C 101 6.11 -16.11 16.04
CA PRO C 101 4.69 -16.33 16.32
C PRO C 101 4.20 -15.95 17.71
N LEU C 102 3.02 -15.36 17.73
CA LEU C 102 2.35 -14.90 18.92
C LEU C 102 1.10 -15.75 19.08
N PHE C 103 0.92 -16.31 20.27
CA PHE C 103 -0.21 -17.18 20.56
C PHE C 103 -1.30 -16.38 21.24
N ASN C 104 -2.50 -16.45 20.65
CA ASN C 104 -3.67 -15.68 21.09
C ASN C 104 -4.89 -16.58 21.30
N ARG C 105 -5.82 -16.09 22.10
CA ARG C 105 -7.02 -16.82 22.45
C ARG C 105 -8.19 -15.88 22.64
N TYR C 106 -9.33 -16.26 22.04
CA TYR C 106 -10.59 -15.50 22.11
C TYR C 106 -11.72 -16.39 22.58
N GLN C 107 -12.35 -15.99 23.69
CA GLN C 107 -13.53 -16.65 24.23
C GLN C 107 -14.36 -15.63 25.00
N GLY C 108 -15.60 -16.01 25.34
CA GLY C 108 -16.52 -15.19 26.14
C GLY C 108 -16.59 -13.71 25.80
N GLY C 109 -16.83 -13.44 24.51
CA GLY C 109 -16.96 -12.07 24.00
C GLY C 109 -15.68 -11.35 23.62
N GLU C 110 -14.53 -11.99 23.84
CA GLU C 110 -13.23 -11.41 23.47
C GLU C 110 -13.22 -11.19 21.97
N THR C 111 -12.66 -10.06 21.55
CA THR C 111 -12.64 -9.66 20.13
C THR C 111 -11.50 -8.69 19.84
N PHE C 112 -11.19 -8.52 18.55
CA PHE C 112 -10.19 -7.56 18.09
C PHE C 112 -10.87 -6.79 16.95
N GLY C 113 -11.24 -5.54 17.21
CA GLY C 113 -11.97 -4.71 16.26
C GLY C 113 -11.18 -4.30 15.03
N TYR C 114 -11.89 -3.74 14.03
CA TYR C 114 -11.25 -3.30 12.79
C TYR C 114 -10.05 -2.38 13.01
N HIS C 115 -8.96 -2.74 12.34
CA HIS C 115 -7.71 -2.00 12.41
C HIS C 115 -6.87 -2.34 11.18
N ILE C 116 -5.85 -1.53 10.96
CA ILE C 116 -4.83 -1.75 9.93
C ILE C 116 -3.55 -2.01 10.71
N ASP C 117 -2.82 -3.06 10.34
CA ASP C 117 -1.53 -3.34 10.96
C ASP C 117 -0.49 -2.34 10.51
N ASN C 118 0.43 -2.00 11.41
CA ASN C 118 1.56 -1.09 11.12
C ASN C 118 2.44 -1.71 10.04
N ALA C 119 2.97 -0.86 9.17
CA ALA C 119 3.85 -1.30 8.08
C ALA C 119 5.21 -1.78 8.60
N ILE C 120 5.68 -1.18 9.69
CA ILE C 120 6.96 -1.51 10.30
C ILE C 120 6.70 -2.02 11.69
N ARG C 121 7.42 -3.09 12.06
CA ARG C 121 7.31 -3.76 13.36
C ARG C 121 8.70 -4.06 13.88
N SER C 122 8.89 -3.89 15.18
CA SER C 122 10.17 -4.13 15.83
C SER C 122 10.18 -5.56 16.32
N THR C 123 11.23 -6.32 16.00
CA THR C 123 11.38 -7.72 16.46
C THR C 123 12.63 -7.79 17.36
N PRO C 124 12.85 -8.95 18.04
CA PRO C 124 14.10 -9.12 18.81
C PRO C 124 15.39 -9.05 17.98
N ASP C 125 15.32 -9.33 16.66
CA ASP C 125 16.48 -9.27 15.75
C ASP C 125 16.32 -8.19 14.68
N GLY C 126 15.93 -6.99 15.12
CA GLY C 126 15.75 -5.82 14.25
C GLY C 126 14.34 -5.57 13.74
N ILE C 128 11.35 -5.10 10.94
CA ILE C 128 10.86 -5.74 9.73
C ILE C 128 9.72 -4.95 9.12
N ARG C 129 9.58 -5.11 7.81
CA ARG C 129 8.49 -4.56 7.04
C ARG C 129 7.43 -5.67 6.99
N THR C 130 6.20 -5.37 7.39
CA THR C 130 5.13 -6.37 7.44
C THR C 130 4.47 -6.52 6.06
N ASP C 131 5.03 -7.39 5.23
CA ASP C 131 4.46 -7.62 3.89
C ASP C 131 3.24 -8.51 4.00
N LEU C 132 3.35 -9.55 4.83
CA LEU C 132 2.29 -10.52 4.97
C LEU C 132 2.04 -10.85 6.42
N SER C 133 0.77 -11.10 6.71
CA SER C 133 0.28 -11.53 7.98
C SER C 133 -0.11 -13.00 7.79
N ALA C 134 -0.12 -13.76 8.88
CA ALA C 134 -0.50 -15.17 8.82
C ALA C 134 -1.04 -15.66 10.15
N THR C 135 -2.13 -16.44 10.10
CA THR C 135 -2.77 -17.03 11.26
C THR C 135 -2.81 -18.53 11.07
N LEU C 136 -2.23 -19.29 12.02
CA LEU C 136 -2.31 -20.76 12.04
C LEU C 136 -3.42 -21.05 13.03
N PHE C 137 -4.45 -21.80 12.60
CA PHE C 137 -5.59 -22.11 13.47
C PHE C 137 -5.28 -23.31 14.35
N LEU C 138 -5.55 -23.15 15.65
CA LEU C 138 -5.31 -24.21 16.64
C LEU C 138 -6.59 -24.61 17.38
N SER C 139 -7.74 -24.17 16.88
CA SER C 139 -9.05 -24.63 17.34
C SER C 139 -9.83 -24.98 16.07
N GLU C 140 -10.70 -25.98 16.17
CA GLU C 140 -11.55 -26.37 15.04
C GLU C 140 -12.69 -25.33 14.97
N PRO C 141 -13.06 -24.91 13.75
CA PRO C 141 -14.10 -23.88 13.58
C PRO C 141 -15.47 -24.24 14.14
N GLU C 142 -15.79 -25.55 14.12
CA GLU C 142 -17.07 -26.07 14.65
C GLU C 142 -17.15 -25.95 16.17
N ASN C 143 -15.98 -25.86 16.83
CA ASN C 143 -15.89 -25.79 18.31
C ASN C 143 -15.96 -24.37 18.93
N TYR C 144 -16.17 -23.33 18.10
CA TYR C 144 -16.40 -21.96 18.61
C TYR C 144 -17.33 -21.17 17.68
N GLN C 145 -18.29 -20.46 18.29
CA GLN C 145 -19.27 -19.61 17.59
C GLN C 145 -18.64 -18.21 17.53
N GLY C 146 -18.53 -17.67 16.33
CA GLY C 146 -17.91 -16.36 16.09
C GLY C 146 -16.44 -16.56 15.81
N GLY C 147 -15.62 -15.62 16.25
CA GLY C 147 -14.16 -15.70 16.04
C GLY C 147 -13.68 -15.73 14.60
N GLU C 148 -14.47 -15.12 13.71
CA GLU C 148 -14.14 -15.11 12.28
C GLU C 148 -13.11 -14.03 12.04
N LEU C 149 -12.12 -14.33 11.20
CA LEU C 149 -11.13 -13.37 10.77
C LEU C 149 -11.70 -12.73 9.49
N VAL C 150 -12.22 -11.51 9.63
CA VAL C 150 -12.81 -10.78 8.49
C VAL C 150 -11.75 -9.86 7.94
N ILE C 151 -11.40 -10.03 6.66
CA ILE C 151 -10.39 -9.24 5.95
C ILE C 151 -11.13 -8.47 4.84
N GLN C 152 -10.77 -7.18 4.67
CA GLN C 152 -11.44 -6.26 3.73
C GLN C 152 -10.40 -5.43 2.97
N ASP C 153 -10.41 -5.53 1.64
CA ASP C 153 -9.43 -4.83 0.75
C ASP C 153 -10.15 -4.06 -0.40
N THR C 154 -9.38 -3.51 -1.35
CA THR C 154 -9.95 -2.87 -2.57
C THR C 154 -10.50 -4.00 -3.51
N TYR C 155 -9.88 -5.19 -3.45
CA TYR C 155 -10.37 -6.37 -4.19
C TYR C 155 -11.71 -6.89 -3.62
N GLY C 156 -11.95 -6.79 -2.30
CA GLY C 156 -13.25 -7.23 -1.72
C GLY C 156 -13.28 -7.43 -0.22
N GLN C 157 -14.00 -8.49 0.20
CA GLN C 157 -14.13 -8.90 1.61
C GLN C 157 -14.31 -10.43 1.75
N GLN C 158 -13.70 -11.01 2.80
CA GLN C 158 -13.83 -12.44 3.15
C GLN C 158 -13.82 -12.68 4.67
N SER C 159 -14.56 -13.71 5.12
CA SER C 159 -14.53 -14.21 6.51
C SER C 159 -13.68 -15.48 6.46
N ILE C 160 -12.74 -15.65 7.39
CA ILE C 160 -11.86 -16.83 7.42
C ILE C 160 -11.88 -17.47 8.79
N LYS C 161 -12.18 -18.78 8.81
CA LYS C 161 -12.29 -19.57 10.01
C LYS C 161 -11.96 -21.03 9.61
N LEU C 162 -10.66 -21.28 9.37
CA LEU C 162 -10.14 -22.56 8.86
C LEU C 162 -9.96 -23.65 9.91
N SER C 163 -9.80 -24.88 9.42
CA SER C 163 -9.58 -26.08 10.25
C SER C 163 -8.30 -25.99 11.06
N ALA C 164 -8.30 -26.63 12.22
CA ALA C 164 -7.11 -26.68 13.09
C ALA C 164 -5.94 -27.29 12.29
N GLY C 165 -4.82 -26.58 12.26
CA GLY C 165 -3.64 -26.99 11.51
C GLY C 165 -3.48 -26.29 10.17
N SER C 166 -4.55 -25.61 9.72
CA SER C 166 -4.52 -24.85 8.47
C SER C 166 -4.07 -23.42 8.76
N LEU C 167 -3.51 -22.78 7.73
CA LEU C 167 -2.97 -21.44 7.80
C LEU C 167 -3.58 -20.52 6.75
N VAL C 168 -3.93 -19.29 7.13
CA VAL C 168 -4.31 -18.27 6.16
C VAL C 168 -3.11 -17.29 6.10
N LEU C 169 -2.74 -16.91 4.88
CA LEU C 169 -1.66 -15.95 4.59
C LEU C 169 -2.33 -14.80 3.83
N TYR C 170 -2.23 -13.58 4.36
CA TYR C 170 -2.90 -12.41 3.80
C TYR C 170 -2.03 -11.16 3.89
N PRO C 171 -2.25 -10.15 3.01
CA PRO C 171 -1.44 -8.93 3.12
C PRO C 171 -1.77 -8.17 4.39
N SER C 172 -0.73 -7.60 4.99
CA SER C 172 -0.84 -6.84 6.25
C SER C 172 -1.54 -5.48 6.12
N SER C 173 -1.68 -5.00 4.89
CA SER C 173 -2.37 -3.74 4.54
C SER C 173 -3.90 -3.78 4.69
N SER C 174 -4.48 -4.98 4.70
CA SER C 174 -5.93 -5.18 4.83
C SER C 174 -6.52 -4.59 6.11
N LEU C 175 -7.74 -4.10 6.00
CA LEU C 175 -8.52 -3.63 7.14
C LEU C 175 -9.16 -4.93 7.62
N HIS C 176 -8.97 -5.26 8.90
CA HIS C 176 -9.44 -6.55 9.42
C HIS C 176 -9.78 -6.63 10.89
N GLN C 177 -10.48 -7.70 11.23
CA GLN C 177 -10.88 -7.95 12.61
C GLN C 177 -11.07 -9.43 12.91
N VAL C 178 -11.16 -9.72 14.21
CA VAL C 178 -11.56 -11.02 14.73
C VAL C 178 -12.89 -10.72 15.42
N THR C 179 -13.99 -11.25 14.90
CA THR C 179 -15.33 -10.97 15.47
C THR C 179 -15.39 -11.65 16.83
N PRO C 180 -16.28 -11.17 17.74
CA PRO C 180 -16.33 -11.80 19.06
C PRO C 180 -16.62 -13.31 19.05
N VAL C 181 -15.97 -14.03 19.97
CA VAL C 181 -16.23 -15.45 20.18
C VAL C 181 -17.27 -15.42 21.30
N LEU C 182 -18.47 -15.86 20.96
CA LEU C 182 -19.63 -15.86 21.86
C LEU C 182 -19.75 -17.20 22.64
N SER C 183 -19.15 -18.26 22.08
CA SER C 183 -19.23 -19.63 22.61
C SER C 183 -17.93 -20.40 22.31
N GLY C 184 -17.46 -21.18 23.28
CA GLY C 184 -16.25 -21.98 23.14
C GLY C 184 -15.02 -21.09 23.18
N GLU C 185 -13.96 -21.53 22.48
CA GLU C 185 -12.69 -20.80 22.44
C GLU C 185 -11.96 -20.97 21.11
N ARG C 186 -11.20 -19.94 20.73
CA ARG C 186 -10.39 -19.93 19.52
C ARG C 186 -8.96 -19.66 19.92
N THR C 187 -8.09 -20.66 19.69
CA THR C 187 -6.65 -20.57 19.94
C THR C 187 -6.00 -20.55 18.57
N ALA C 188 -4.99 -19.68 18.39
CA ALA C 188 -4.26 -19.57 17.12
C ALA C 188 -2.87 -18.97 17.31
N ALA C 189 -1.99 -19.19 16.34
CA ALA C 189 -0.67 -18.59 16.28
C ALA C 189 -0.77 -17.51 15.20
N PHE C 190 -0.39 -16.28 15.53
CA PHE C 190 -0.38 -15.17 14.60
C PHE C 190 1.05 -14.70 14.37
N TRP C 192 3.70 -12.08 11.48
CA TRP C 192 3.98 -11.23 10.35
C TRP C 192 5.24 -11.72 9.69
N LEU C 193 5.43 -11.33 8.44
CA LEU C 193 6.68 -11.63 7.76
C LEU C 193 7.00 -10.64 6.69
N GLN C 194 8.31 -10.42 6.53
CA GLN C 194 8.85 -9.59 5.50
C GLN C 194 9.23 -10.59 4.42
N SER C 195 8.79 -10.28 3.21
CA SER C 195 9.11 -11.07 2.05
C SER C 195 10.41 -10.57 1.42
N VAL C 197 10.55 -10.25 -1.71
CA VAL C 197 10.02 -9.41 -2.81
C VAL C 197 9.00 -8.48 -2.19
N ARG C 198 9.33 -7.19 -2.16
CA ARG C 198 8.49 -6.17 -1.59
C ARG C 198 7.14 -6.00 -2.33
N ASP C 199 7.17 -5.87 -3.65
CA ASP C 199 5.96 -5.61 -4.43
C ASP C 199 5.08 -6.86 -4.55
N GLU C 200 3.82 -6.70 -4.17
CA GLU C 200 2.86 -7.79 -4.21
C GLU C 200 2.66 -8.32 -5.62
N GLY C 201 2.57 -7.41 -6.60
CA GLY C 201 2.42 -7.73 -8.02
C GLY C 201 3.58 -8.61 -8.49
N GLN C 202 4.80 -8.21 -8.17
CA GLN C 202 5.97 -9.00 -8.54
C GLN C 202 6.00 -10.38 -7.85
N ARG C 203 5.58 -10.40 -6.58
CA ARG C 203 5.59 -11.62 -5.78
C ARG C 203 4.57 -12.62 -6.32
N ARG C 204 3.41 -12.13 -6.74
CA ARG C 204 2.37 -12.99 -7.33
C ARG C 204 2.77 -13.52 -8.71
N LEU C 205 3.46 -12.69 -9.51
CA LEU C 205 3.98 -13.13 -10.81
C LEU C 205 5.00 -14.24 -10.62
N LEU C 206 5.94 -14.07 -9.67
CA LEU C 206 6.91 -15.12 -9.38
C LEU C 206 6.23 -16.43 -8.96
N PHE C 207 5.25 -16.29 -8.05
CA PHE C 207 4.47 -17.42 -7.57
C PHE C 207 3.77 -18.13 -8.73
N GLN C 208 3.18 -17.36 -9.65
CA GLN C 208 2.49 -17.88 -10.87
CA GLN C 208 2.49 -17.99 -10.79
C GLN C 208 3.47 -18.68 -11.75
N LEU C 209 4.65 -18.11 -11.96
CA LEU C 209 5.67 -18.75 -12.78
C LEU C 209 6.17 -20.02 -12.11
N ASP C 210 6.48 -19.94 -10.81
CA ASP C 210 6.93 -21.13 -10.07
C ASP C 210 5.91 -22.29 -10.13
N GLN C 211 4.63 -21.97 -9.90
CA GLN C 211 3.56 -22.98 -9.90
C GLN C 211 3.33 -23.61 -11.28
N SER C 212 3.53 -22.84 -12.36
CA SER C 212 3.46 -23.37 -13.71
C SER C 212 4.61 -24.35 -13.95
N ILE C 213 5.81 -23.97 -13.49
CA ILE C 213 7.01 -24.82 -13.57
C ILE C 213 6.75 -26.13 -12.81
N GLN C 214 6.20 -26.04 -11.59
CA GLN C 214 5.87 -27.26 -10.82
C GLN C 214 4.85 -28.15 -11.50
N SER C 215 3.78 -27.56 -12.04
CA SER C 215 2.77 -28.33 -12.77
C SER C 215 3.33 -28.99 -14.01
N LEU C 216 4.14 -28.25 -14.77
CA LEU C 216 4.79 -28.80 -15.98
C LEU C 216 5.77 -29.94 -15.63
N THR C 217 6.48 -29.80 -14.50
CA THR C 217 7.36 -30.88 -13.99
C THR C 217 6.55 -32.16 -13.68
N ALA C 218 5.42 -32.00 -12.99
CA ALA C 218 4.49 -33.10 -12.67
C ALA C 218 3.89 -33.74 -13.94
N GLN C 219 3.61 -32.91 -14.95
CA GLN C 219 3.09 -33.35 -16.27
C GLN C 219 4.18 -33.89 -17.23
N THR C 220 5.44 -33.96 -16.77
CA THR C 220 6.58 -34.54 -17.51
C THR C 220 6.90 -33.81 -18.83
N ALA C 221 6.89 -32.48 -18.76
CA ALA C 221 7.23 -31.60 -19.90
C ALA C 221 8.70 -31.74 -20.23
N ALA C 222 9.10 -31.36 -21.45
CA ALA C 222 10.51 -31.43 -21.87
C ALA C 222 11.45 -30.76 -20.85
N GLU C 223 12.47 -31.49 -20.44
CA GLU C 223 13.46 -31.03 -19.45
C GLU C 223 14.13 -29.70 -19.82
N GLN C 224 14.42 -29.52 -21.12
CA GLN C 224 15.03 -28.28 -21.59
C GLN C 224 14.12 -27.06 -21.32
N GLU C 225 12.80 -27.22 -21.46
CA GLU C 225 11.86 -26.11 -21.21
C GLU C 225 11.69 -25.87 -19.72
N LEU C 226 11.74 -26.92 -18.90
CA LEU C 226 11.68 -26.76 -17.44
C LEU C 226 12.91 -25.97 -16.98
N PHE C 227 14.09 -26.28 -17.52
CA PHE C 227 15.30 -25.53 -17.22
C PHE C 227 15.22 -24.10 -17.72
N ASN C 228 14.74 -23.88 -18.94
CA ASN C 228 14.62 -22.54 -19.48
C ASN C 228 13.71 -21.64 -18.61
N LEU C 229 12.54 -22.18 -18.22
CA LEU C 229 11.61 -21.43 -17.38
C LEU C 229 12.18 -21.19 -15.99
N SER C 230 12.86 -22.19 -15.43
CA SER C 230 13.52 -22.02 -14.12
C SER C 230 14.59 -20.92 -14.20
N GLY C 231 15.30 -20.84 -15.33
CA GLY C 231 16.25 -19.75 -15.57
C GLY C 231 15.59 -18.39 -15.54
N VAL C 232 14.40 -18.27 -16.18
CA VAL C 232 13.60 -17.03 -16.16
C VAL C 232 13.23 -16.66 -14.71
N TYR C 233 12.74 -17.66 -13.96
CA TYR C 233 12.38 -17.48 -12.56
C TYR C 233 13.57 -16.94 -11.75
N HIS C 234 14.72 -17.63 -11.82
CA HIS C 234 16.01 -17.23 -11.16
C HIS C 234 16.35 -15.79 -11.45
N ASN C 235 16.24 -15.40 -12.72
CA ASN C 235 16.55 -14.05 -13.19
C ASN C 235 15.65 -13.04 -12.56
N LEU C 236 14.33 -13.27 -12.61
CA LEU C 236 13.36 -12.36 -12.00
C LEU C 236 13.56 -12.23 -10.48
N LEU C 237 13.84 -13.34 -9.80
CA LEU C 237 14.05 -13.29 -8.34
C LEU C 237 15.30 -12.50 -8.05
N ARG C 238 16.36 -12.73 -8.83
CA ARG C 238 17.56 -11.91 -8.72
C ARG C 238 17.31 -10.42 -9.04
N ARG C 239 16.41 -10.08 -9.97
CA ARG C 239 16.12 -8.66 -10.26
C ARG C 239 15.31 -7.96 -9.19
N TRP C 240 14.40 -8.69 -8.56
CA TRP C 240 13.41 -8.11 -7.67
C TRP C 240 13.57 -8.28 -6.17
N SER C 241 14.46 -9.17 -5.74
CA SER C 241 14.67 -9.43 -4.31
CA SER C 241 14.67 -9.46 -4.32
C SER C 241 15.32 -8.30 -3.57
N GLU C 242 15.00 -8.14 -2.30
CA GLU C 242 15.64 -7.16 -1.44
C GLU C 242 15.88 -7.95 -0.15
N LEU C 243 17.16 -8.20 0.14
CA LEU C 243 17.60 -8.97 1.31
C LEU C 243 18.11 -8.03 2.40
#